data_4E5X
#
_entry.id   4E5X
#
_cell.length_a   113.190
_cell.length_b   133.670
_cell.length_c   196.720
_cell.angle_alpha   90.00
_cell.angle_beta   90.00
_cell.angle_gamma   90.00
#
_symmetry.space_group_name_H-M   'I 21 21 21'
#
loop_
_entity.id
_entity.type
_entity.pdbx_description
1 polymer 'HLA class I histocompatibility antigen, A-2 alpha chain'
2 polymer Beta-2-microglobulin
3 polymer 'Protein Tax-1'
4 polymer 'Early E3 18.5 kDa glycoprotein'
5 water water
#
loop_
_entity_poly.entity_id
_entity_poly.type
_entity_poly.pdbx_seq_one_letter_code
_entity_poly.pdbx_strand_id
1 'polypeptide(L)'
;GSHSMRYFFTSVSRPGRGEPRFIAVGYVDDTQFVRFDSDAASQRMEPRAPWIEQEGPEYWDGETRKVKAHSQTHRVDLGT
LRGYYNQSEAGSHTVQRMYGCDVGSDWRFLRGYHQYAYDGKDYIALKEDLRSWTAADMAAQTTKHKWEAAHVAEQLRAYL
EGTCVEWLRRYLENGKETLQRTDAPKTHMTHHAVSDHEATLRCWALSFYPAEITLTWQRDGEDQTQDTELVETRPAGDGT
FQKWAAVVVPSGQEQRYTCHVQHEGLPKPLTLRWE
;
A,D
2 'polypeptide(L)'
;MIQRTPKIQVYSRHPAENGKSNFLNCYVSGFHPSDIEVDLLKNGERIEKVEHSDLSFSKDWSFYLLYYTEFTPTEKDEYA
CRVNHVTLSQPKIVKWDRDM
;
B,E
3 'polypeptide(L)' LLFGYPVYV C,F
4 'polypeptide(L)'
;AKKVEFKEPACNVTFKSEANECTTLIKCTTEHEKLIIRHKDKIGKYAVYAIWQPGDTNDYNVTVFQGENRKTFMYKFPFY
EMCDITMYMSKQYKLWPPQK
;
G,H
#
# COMPACT_ATOMS: atom_id res chain seq x y z
N GLY A 1 28.67 30.58 7.11
CA GLY A 1 27.89 30.04 5.96
C GLY A 1 26.53 29.53 6.41
N SER A 2 25.70 29.15 5.44
CA SER A 2 24.36 28.63 5.74
C SER A 2 24.44 27.12 6.00
N HIS A 3 23.63 26.64 6.94
CA HIS A 3 23.63 25.23 7.28
C HIS A 3 22.22 24.68 7.42
N SER A 4 22.13 23.36 7.46
CA SER A 4 20.82 22.72 7.58
C SER A 4 20.89 21.40 8.32
N MET A 5 19.77 21.04 8.93
CA MET A 5 19.66 19.77 9.61
C MET A 5 18.41 19.11 9.05
N ARG A 6 18.50 17.83 8.73
CA ARG A 6 17.38 17.09 8.16
C ARG A 6 17.31 15.67 8.69
N TYR A 7 16.07 15.21 8.90
CA TYR A 7 15.83 13.84 9.33
C TYR A 7 14.96 13.24 8.23
N PHE A 8 15.30 12.02 7.81
CA PHE A 8 14.55 11.34 6.76
C PHE A 8 14.05 10.02 7.32
N PHE A 9 12.77 9.73 7.09
CA PHE A 9 12.17 8.51 7.61
C PHE A 9 11.49 7.72 6.50
N THR A 10 11.76 6.42 6.45
CA THR A 10 11.16 5.54 5.45
C THR A 10 10.60 4.30 6.14
N SER A 11 9.33 4.01 5.89
CA SER A 11 8.71 2.83 6.47
C SER A 11 8.03 2.06 5.33
N VAL A 12 8.36 0.78 5.21
CA VAL A 12 7.81 -0.04 4.15
C VAL A 12 7.10 -1.28 4.68
N SER A 13 5.82 -1.41 4.36
CA SER A 13 5.06 -2.55 4.83
C SER A 13 5.45 -3.82 4.09
N ARG A 14 5.42 -4.93 4.79
CA ARG A 14 5.73 -6.24 4.24
C ARG A 14 4.75 -7.20 4.89
N PRO A 15 3.46 -7.07 4.55
CA PRO A 15 2.37 -7.91 5.07
C PRO A 15 2.66 -9.40 5.11
N GLY A 16 2.35 -10.02 6.24
CA GLY A 16 2.58 -11.44 6.41
C GLY A 16 4.01 -11.77 6.77
N ARG A 17 4.91 -10.81 6.60
CA ARG A 17 6.32 -11.01 6.87
C ARG A 17 6.83 -10.14 8.02
N GLY A 18 6.00 -9.95 9.05
CA GLY A 18 6.42 -9.14 10.18
C GLY A 18 6.15 -7.64 10.05
N GLU A 19 6.60 -6.88 11.04
CA GLU A 19 6.40 -5.42 11.06
C GLU A 19 7.10 -4.73 9.90
N PRO A 20 6.66 -3.50 9.56
CA PRO A 20 7.25 -2.74 8.47
C PRO A 20 8.74 -2.49 8.70
N ARG A 21 9.48 -2.31 7.61
CA ARG A 21 10.90 -2.01 7.70
C ARG A 21 10.95 -0.50 7.89
N PHE A 22 11.59 -0.06 8.96
CA PHE A 22 11.69 1.37 9.26
C PHE A 22 13.17 1.79 9.33
N ILE A 23 13.50 2.85 8.59
CA ILE A 23 14.87 3.38 8.56
C ILE A 23 14.83 4.90 8.75
N ALA A 24 15.54 5.39 9.75
CA ALA A 24 15.61 6.83 10.01
C ALA A 24 17.07 7.24 9.92
N VAL A 25 17.33 8.39 9.31
CA VAL A 25 18.69 8.91 9.19
C VAL A 25 18.66 10.41 9.45
N GLY A 26 19.69 10.91 10.12
CA GLY A 26 19.79 12.33 10.40
C GLY A 26 21.00 12.91 9.69
N TYR A 27 20.86 14.13 9.17
CA TYR A 27 21.94 14.79 8.46
C TYR A 27 22.11 16.23 8.92
N VAL A 28 23.35 16.69 8.88
CA VAL A 28 23.67 18.09 9.13
C VAL A 28 24.36 18.41 7.81
N ASP A 29 23.75 19.29 7.02
CA ASP A 29 24.27 19.62 5.70
C ASP A 29 24.43 18.32 4.94
N ASP A 30 25.61 18.06 4.38
CA ASP A 30 25.82 16.84 3.60
C ASP A 30 26.41 15.65 4.35
N THR A 31 26.49 15.71 5.67
CA THR A 31 27.03 14.56 6.37
C THR A 31 26.03 13.94 7.35
N GLN A 32 25.95 12.62 7.31
CA GLN A 32 25.04 11.88 8.17
C GLN A 32 25.63 11.75 9.56
N PHE A 33 24.81 11.87 10.59
CA PHE A 33 25.34 11.74 11.94
C PHE A 33 24.65 10.68 12.79
N VAL A 34 23.45 10.25 12.38
CA VAL A 34 22.72 9.20 13.12
C VAL A 34 21.79 8.38 12.22
N ARG A 35 21.42 7.20 12.73
CA ARG A 35 20.51 6.32 12.00
C ARG A 35 19.84 5.36 12.96
N PHE A 36 18.73 4.80 12.50
CA PHE A 36 17.97 3.81 13.25
C PHE A 36 17.43 2.87 12.19
N ASP A 37 17.64 1.56 12.36
CA ASP A 37 17.14 0.58 11.40
C ASP A 37 16.39 -0.48 12.19
N SER A 38 15.09 -0.60 11.94
CA SER A 38 14.27 -1.57 12.65
C SER A 38 14.82 -2.99 12.51
N ASP A 39 15.59 -3.23 11.45
CA ASP A 39 16.16 -4.55 11.20
C ASP A 39 17.57 -4.71 11.77
N ALA A 40 18.07 -3.68 12.45
CA ALA A 40 19.39 -3.75 13.05
C ALA A 40 19.28 -4.45 14.40
N ALA A 41 20.37 -5.03 14.87
CA ALA A 41 20.37 -5.75 16.15
C ALA A 41 20.21 -4.86 17.37
N SER A 42 20.84 -3.69 17.36
CA SER A 42 20.80 -2.78 18.50
C SER A 42 19.43 -2.27 18.94
N GLN A 43 18.59 -1.87 18.00
CA GLN A 43 17.28 -1.32 18.33
C GLN A 43 17.50 -0.01 19.08
N ARG A 44 18.60 0.67 18.77
CA ARG A 44 18.93 1.94 19.39
C ARG A 44 19.27 2.94 18.30
N MET A 45 19.14 4.23 18.60
CA MET A 45 19.54 5.23 17.63
C MET A 45 21.05 5.03 17.65
N GLU A 46 21.70 5.05 16.50
CA GLU A 46 23.14 4.81 16.43
C GLU A 46 23.92 5.95 15.77
N PRO A 47 25.12 6.25 16.28
CA PRO A 47 25.94 7.33 15.70
C PRO A 47 26.50 6.93 14.34
N ARG A 48 26.63 7.91 13.44
CA ARG A 48 27.17 7.69 12.12
C ARG A 48 28.25 8.72 11.83
N ALA A 49 28.64 9.44 12.89
CA ALA A 49 29.69 10.44 12.83
C ALA A 49 30.31 10.44 14.23
N PRO A 50 31.65 10.37 14.29
CA PRO A 50 32.32 10.35 15.59
C PRO A 50 31.97 11.53 16.51
N TRP A 51 31.77 12.71 15.92
CA TRP A 51 31.47 13.88 16.76
C TRP A 51 30.14 13.83 17.53
N ILE A 52 29.19 13.02 17.07
CA ILE A 52 27.92 12.95 17.80
C ILE A 52 28.08 12.11 19.07
N GLU A 53 29.17 11.34 19.13
CA GLU A 53 29.42 10.49 20.29
C GLU A 53 29.86 11.27 21.53
N GLN A 54 29.88 12.58 21.37
CA GLN A 54 30.19 13.53 22.44
C GLN A 54 28.91 13.75 23.23
N GLU A 55 27.78 13.28 22.68
CA GLU A 55 26.50 13.37 23.40
C GLU A 55 26.46 12.21 24.39
N GLY A 56 25.91 12.44 25.58
CA GLY A 56 25.85 11.42 26.60
C GLY A 56 24.66 10.47 26.52
N PRO A 57 24.58 9.51 27.45
CA PRO A 57 23.52 8.50 27.55
C PRO A 57 22.11 9.07 27.49
N GLU A 58 21.90 10.22 28.12
CA GLU A 58 20.56 10.82 28.11
C GLU A 58 20.15 11.15 26.69
N TYR A 59 21.12 11.57 25.88
CA TYR A 59 20.85 11.89 24.48
C TYR A 59 20.43 10.63 23.75
N TRP A 60 21.25 9.59 23.90
CA TRP A 60 20.96 8.33 23.21
C TRP A 60 19.68 7.65 23.67
N ASP A 61 19.42 7.65 24.97
CA ASP A 61 18.19 7.04 25.46
C ASP A 61 17.01 7.86 24.93
N GLY A 62 17.11 9.18 25.06
CA GLY A 62 16.05 10.06 24.59
C GLY A 62 15.77 9.96 23.10
N GLU A 63 16.82 9.97 22.29
CA GLU A 63 16.63 9.87 20.84
C GLU A 63 16.14 8.49 20.46
N THR A 64 16.57 7.45 21.17
CA THR A 64 16.13 6.10 20.86
C THR A 64 14.61 5.99 21.10
N ARG A 65 14.15 6.57 22.20
CA ARG A 65 12.73 6.55 22.52
C ARG A 65 11.93 7.33 21.50
N LYS A 66 12.44 8.50 21.11
CA LYS A 66 11.73 9.30 20.12
C LYS A 66 11.73 8.65 18.73
N VAL A 67 12.83 8.01 18.31
CA VAL A 67 12.83 7.39 16.98
C VAL A 67 11.90 6.19 16.94
N LYS A 68 11.79 5.46 18.05
CA LYS A 68 10.90 4.31 18.09
C LYS A 68 9.46 4.80 18.05
N ALA A 69 9.22 6.00 18.59
CA ALA A 69 7.89 6.58 18.58
C ALA A 69 7.55 6.93 17.13
N HIS A 70 8.56 7.40 16.38
CA HIS A 70 8.36 7.73 14.97
C HIS A 70 8.08 6.45 14.20
N SER A 71 8.77 5.38 14.55
CA SER A 71 8.57 4.09 13.90
C SER A 71 7.15 3.62 14.14
N GLN A 72 6.71 3.75 15.38
CA GLN A 72 5.36 3.34 15.79
C GLN A 72 4.29 4.10 15.02
N THR A 73 4.45 5.42 14.92
CA THR A 73 3.46 6.22 14.21
C THR A 73 3.37 5.85 12.73
N HIS A 74 4.51 5.63 12.08
CA HIS A 74 4.53 5.26 10.67
C HIS A 74 3.91 3.88 10.46
N ARG A 75 4.09 3.02 11.45
CA ARG A 75 3.54 1.67 11.41
C ARG A 75 2.02 1.82 11.34
N VAL A 76 1.47 2.75 12.12
CA VAL A 76 0.03 2.98 12.12
C VAL A 76 -0.38 3.68 10.83
N ASP A 77 0.40 4.69 10.41
CA ASP A 77 0.12 5.43 9.18
C ASP A 77 -0.09 4.48 7.99
N LEU A 78 0.75 3.46 7.87
CA LEU A 78 0.62 2.51 6.77
C LEU A 78 -0.77 1.87 6.79
N GLY A 79 -1.27 1.57 7.98
CA GLY A 79 -2.59 0.98 8.10
C GLY A 79 -3.64 2.00 7.76
N THR A 80 -3.47 3.22 8.27
CA THR A 80 -4.41 4.32 8.03
C THR A 80 -4.51 4.63 6.54
N LEU A 81 -3.36 4.76 5.89
CA LEU A 81 -3.29 5.10 4.47
C LEU A 81 -3.90 4.03 3.56
N ARG A 82 -3.65 2.76 3.83
CA ARG A 82 -4.23 1.73 2.98
C ARG A 82 -5.74 1.78 3.15
N GLY A 83 -6.17 2.19 4.35
CA GLY A 83 -7.58 2.31 4.62
C GLY A 83 -8.12 3.52 3.87
N TYR A 84 -7.35 4.60 3.87
CA TYR A 84 -7.76 5.82 3.17
C TYR A 84 -7.92 5.57 1.67
N TYR A 85 -7.10 4.68 1.13
CA TYR A 85 -7.14 4.39 -0.30
C TYR A 85 -7.78 3.06 -0.68
N ASN A 86 -8.37 2.39 0.30
CA ASN A 86 -9.06 1.12 0.05
C ASN A 86 -8.14 0.14 -0.68
N GLN A 87 -6.93 -0.03 -0.17
CA GLN A 87 -5.98 -0.93 -0.81
C GLN A 87 -5.91 -2.27 -0.10
N SER A 88 -5.47 -3.29 -0.84
CA SER A 88 -5.35 -4.64 -0.33
C SER A 88 -4.43 -4.75 0.88
N GLU A 89 -4.79 -5.66 1.78
CA GLU A 89 -4.06 -5.91 3.01
C GLU A 89 -2.77 -6.69 2.71
N ALA A 90 -2.63 -7.18 1.48
CA ALA A 90 -1.47 -7.98 1.11
C ALA A 90 -0.37 -7.25 0.33
N GLY A 91 -0.62 -6.01 -0.07
CA GLY A 91 0.39 -5.29 -0.83
C GLY A 91 1.41 -4.52 0.01
N SER A 92 2.55 -4.20 -0.58
CA SER A 92 3.62 -3.46 0.08
C SER A 92 3.47 -1.98 -0.27
N HIS A 93 3.55 -1.12 0.73
CA HIS A 93 3.41 0.33 0.51
C HIS A 93 4.51 1.08 1.27
N THR A 94 4.73 2.33 0.87
CA THR A 94 5.80 3.13 1.47
C THR A 94 5.35 4.48 1.96
N VAL A 95 5.73 4.80 3.19
CA VAL A 95 5.43 6.10 3.75
C VAL A 95 6.78 6.75 4.05
N GLN A 96 6.94 7.98 3.60
CA GLN A 96 8.18 8.72 3.82
C GLN A 96 7.89 10.04 4.49
N ARG A 97 8.82 10.48 5.34
CA ARG A 97 8.68 11.73 6.06
C ARG A 97 10.03 12.41 6.18
N MET A 98 10.02 13.74 6.09
CA MET A 98 11.24 14.49 6.25
C MET A 98 10.89 15.80 6.94
N TYR A 99 11.78 16.27 7.79
CA TYR A 99 11.59 17.53 8.46
C TYR A 99 12.95 18.04 8.90
N GLY A 100 13.03 19.35 9.11
CA GLY A 100 14.29 19.92 9.52
C GLY A 100 14.26 21.41 9.40
N CYS A 101 15.40 22.04 9.64
CA CYS A 101 15.50 23.48 9.61
C CYS A 101 16.79 23.97 8.94
N ASP A 102 16.76 25.22 8.50
CA ASP A 102 17.92 25.87 7.88
C ASP A 102 18.23 27.12 8.68
N VAL A 103 19.51 27.46 8.76
CA VAL A 103 19.95 28.68 9.45
C VAL A 103 20.80 29.46 8.44
N GLY A 104 20.73 30.79 8.51
CA GLY A 104 21.52 31.61 7.60
C GLY A 104 22.96 31.72 8.03
N SER A 105 23.72 32.58 7.37
CA SER A 105 25.13 32.76 7.72
C SER A 105 25.28 33.23 9.16
N ASP A 106 24.20 33.77 9.71
CA ASP A 106 24.19 34.25 11.09
C ASP A 106 23.83 33.09 12.04
N TRP A 107 23.55 31.94 11.45
CA TRP A 107 23.17 30.75 12.20
C TRP A 107 21.81 30.95 12.88
N ARG A 108 21.04 31.90 12.38
CA ARG A 108 19.71 32.16 12.92
C ARG A 108 18.70 31.45 12.02
N PHE A 109 17.56 31.07 12.58
CA PHE A 109 16.53 30.37 11.81
C PHE A 109 16.28 31.03 10.45
N LEU A 110 16.19 30.19 9.41
CA LEU A 110 15.93 30.68 8.06
C LEU A 110 14.60 30.12 7.55
N ARG A 111 14.46 28.80 7.64
CA ARG A 111 13.24 28.15 7.18
C ARG A 111 13.10 26.74 7.76
N GLY A 112 11.88 26.23 7.78
CA GLY A 112 11.62 24.91 8.30
C GLY A 112 10.87 24.04 7.31
N TYR A 113 10.88 22.74 7.55
CA TYR A 113 10.21 21.79 6.66
C TYR A 113 9.63 20.64 7.46
N HIS A 114 8.52 20.09 6.96
CA HIS A 114 7.86 18.94 7.55
C HIS A 114 6.85 18.44 6.53
N GLN A 115 7.19 17.35 5.85
CA GLN A 115 6.32 16.81 4.82
C GLN A 115 6.34 15.29 4.75
N TYR A 116 5.29 14.74 4.14
CA TYR A 116 5.08 13.30 4.00
C TYR A 116 4.83 12.91 2.54
N ALA A 117 5.07 11.64 2.23
CA ALA A 117 4.81 11.11 0.90
C ALA A 117 4.28 9.70 1.08
N TYR A 118 3.34 9.30 0.23
CA TYR A 118 2.81 7.95 0.30
C TYR A 118 3.09 7.34 -1.06
N ASP A 119 3.73 6.18 -1.06
CA ASP A 119 4.09 5.46 -2.28
C ASP A 119 4.79 6.34 -3.32
N GLY A 120 5.73 7.17 -2.86
CA GLY A 120 6.50 8.02 -3.73
C GLY A 120 5.86 9.33 -4.19
N LYS A 121 4.68 9.64 -3.66
CA LYS A 121 4.00 10.87 -4.06
C LYS A 121 3.72 11.80 -2.89
N ASP A 122 3.81 13.11 -3.12
CA ASP A 122 3.54 14.08 -2.08
C ASP A 122 2.20 13.75 -1.45
N TYR A 123 2.14 13.78 -0.12
CA TYR A 123 0.90 13.49 0.58
C TYR A 123 0.41 14.76 1.28
N ILE A 124 1.25 15.30 2.16
CA ILE A 124 0.92 16.52 2.87
C ILE A 124 2.22 17.21 3.28
N ALA A 125 2.21 18.54 3.28
CA ALA A 125 3.41 19.28 3.65
C ALA A 125 3.10 20.60 4.35
N LEU A 126 3.92 20.93 5.35
CA LEU A 126 3.77 22.16 6.10
C LEU A 126 4.26 23.28 5.17
N LYS A 127 3.50 24.37 5.09
CA LYS A 127 3.88 25.48 4.22
C LYS A 127 5.01 26.29 4.85
N GLU A 128 5.60 27.18 4.07
CA GLU A 128 6.71 27.99 4.55
C GLU A 128 6.40 28.83 5.79
N ASP A 129 5.16 29.30 5.92
CA ASP A 129 4.83 30.12 7.08
C ASP A 129 4.74 29.27 8.36
N LEU A 130 4.87 27.96 8.20
CA LEU A 130 4.81 27.04 9.34
C LEU A 130 3.48 27.13 10.08
N ARG A 131 2.43 27.54 9.39
CA ARG A 131 1.12 27.68 10.01
C ARG A 131 -0.01 27.02 9.21
N SER A 132 0.28 26.65 7.97
CA SER A 132 -0.74 26.03 7.12
C SER A 132 -0.22 24.78 6.42
N TRP A 133 -1.15 23.93 5.96
CA TRP A 133 -0.79 22.69 5.29
C TRP A 133 -1.17 22.63 3.81
N THR A 134 -0.42 21.83 3.07
CA THR A 134 -0.67 21.61 1.64
C THR A 134 -1.07 20.15 1.49
N ALA A 135 -2.35 19.92 1.19
CA ALA A 135 -2.88 18.57 0.99
C ALA A 135 -3.28 18.39 -0.45
N ALA A 136 -3.01 17.21 -1.01
CA ALA A 136 -3.36 16.92 -2.39
C ALA A 136 -4.79 16.39 -2.50
N ASP A 137 -4.95 15.08 -2.36
CA ASP A 137 -6.24 14.42 -2.47
C ASP A 137 -7.15 14.54 -1.25
N MET A 138 -8.23 13.76 -1.29
CA MET A 138 -9.23 13.73 -0.23
C MET A 138 -8.60 13.21 1.07
N ALA A 139 -7.84 12.12 0.95
CA ALA A 139 -7.18 11.51 2.10
C ALA A 139 -6.35 12.54 2.87
N ALA A 140 -5.46 13.23 2.15
CA ALA A 140 -4.61 14.24 2.76
C ALA A 140 -5.45 15.30 3.46
N GLN A 141 -6.63 15.56 2.93
CA GLN A 141 -7.55 16.54 3.51
C GLN A 141 -8.02 16.06 4.88
N THR A 142 -8.21 14.75 5.00
CA THR A 142 -8.63 14.16 6.26
C THR A 142 -7.52 14.40 7.27
N THR A 143 -6.29 14.10 6.86
CA THR A 143 -5.12 14.28 7.72
C THR A 143 -5.01 15.74 8.13
N LYS A 144 -5.08 16.64 7.15
CA LYS A 144 -4.98 18.07 7.42
C LYS A 144 -5.95 18.53 8.50
N HIS A 145 -7.22 18.15 8.37
CA HIS A 145 -8.25 18.52 9.34
C HIS A 145 -7.84 18.10 10.75
N LYS A 146 -7.43 16.84 10.88
CA LYS A 146 -7.00 16.29 12.17
C LYS A 146 -5.83 17.07 12.76
N TRP A 147 -4.83 17.35 11.94
CA TRP A 147 -3.65 18.08 12.41
C TRP A 147 -3.97 19.51 12.83
N GLU A 148 -4.93 20.13 12.15
CA GLU A 148 -5.32 21.49 12.49
C GLU A 148 -5.98 21.51 13.88
N ALA A 149 -6.79 20.50 14.14
CA ALA A 149 -7.48 20.39 15.42
C ALA A 149 -6.49 20.02 16.53
N ALA A 150 -5.48 19.24 16.18
CA ALA A 150 -4.47 18.82 17.14
C ALA A 150 -3.32 19.81 17.28
N HIS A 151 -3.44 20.96 16.60
CA HIS A 151 -2.42 21.99 16.66
C HIS A 151 -1.02 21.47 16.35
N VAL A 152 -0.92 20.54 15.41
CA VAL A 152 0.38 19.98 15.06
C VAL A 152 1.33 21.06 14.54
N ALA A 153 0.82 21.94 13.68
CA ALA A 153 1.64 23.01 13.12
C ALA A 153 2.27 23.89 14.19
N GLU A 154 1.50 24.21 15.22
CA GLU A 154 1.97 25.04 16.32
C GLU A 154 3.14 24.40 17.06
N GLN A 155 3.06 23.09 17.27
CA GLN A 155 4.13 22.39 17.95
C GLN A 155 5.36 22.29 17.05
N LEU A 156 5.13 22.09 15.75
CA LEU A 156 6.24 22.00 14.81
C LEU A 156 6.95 23.34 14.69
N ARG A 157 6.17 24.42 14.67
CA ARG A 157 6.75 25.76 14.55
C ARG A 157 7.66 26.02 15.75
N ALA A 158 7.21 25.62 16.93
CA ALA A 158 8.00 25.81 18.15
C ALA A 158 9.31 25.01 18.06
N TYR A 159 9.22 23.80 17.52
CA TYR A 159 10.39 22.95 17.36
C TYR A 159 11.34 23.49 16.29
N LEU A 160 10.81 23.70 15.08
CA LEU A 160 11.61 24.19 13.96
C LEU A 160 12.32 25.51 14.21
N GLU A 161 11.65 26.44 14.88
CA GLU A 161 12.27 27.75 15.15
C GLU A 161 13.04 27.73 16.47
N GLY A 162 12.85 26.69 17.25
CA GLY A 162 13.53 26.61 18.53
C GLY A 162 14.55 25.49 18.65
N THR A 163 14.11 24.36 19.21
CA THR A 163 14.98 23.19 19.39
C THR A 163 15.78 22.79 18.16
N CYS A 164 15.14 22.75 17.00
CA CYS A 164 15.82 22.35 15.77
C CYS A 164 17.05 23.20 15.52
N VAL A 165 16.87 24.52 15.47
CA VAL A 165 17.97 25.44 15.23
C VAL A 165 19.02 25.43 16.33
N GLU A 166 18.56 25.34 17.57
CA GLU A 166 19.49 25.33 18.70
C GLU A 166 20.40 24.12 18.69
N TRP A 167 19.84 22.96 18.36
CA TRP A 167 20.65 21.75 18.32
C TRP A 167 21.53 21.72 17.07
N LEU A 168 21.07 22.33 15.99
CA LEU A 168 21.86 22.39 14.76
C LEU A 168 23.14 23.16 15.08
N ARG A 169 22.98 24.26 15.80
CA ARG A 169 24.13 25.08 16.18
C ARG A 169 25.07 24.30 17.10
N ARG A 170 24.48 23.53 18.00
CA ARG A 170 25.25 22.73 18.92
C ARG A 170 26.11 21.73 18.12
N TYR A 171 25.50 21.08 17.14
CA TYR A 171 26.20 20.11 16.31
C TYR A 171 27.32 20.77 15.51
N LEU A 172 27.01 21.91 14.89
CA LEU A 172 27.98 22.66 14.11
C LEU A 172 29.24 22.93 14.94
N GLU A 173 29.05 23.22 16.23
CA GLU A 173 30.20 23.47 17.08
C GLU A 173 30.90 22.19 17.50
N ASN A 174 30.13 21.22 17.97
CA ASN A 174 30.72 19.96 18.41
C ASN A 174 31.44 19.21 17.30
N GLY A 175 30.99 19.36 16.06
CA GLY A 175 31.64 18.68 14.96
C GLY A 175 32.24 19.68 13.98
N LYS A 176 32.65 20.83 14.50
CA LYS A 176 33.21 21.88 13.65
C LYS A 176 34.31 21.44 12.69
N GLU A 177 35.21 20.57 13.15
CA GLU A 177 36.29 20.09 12.28
C GLU A 177 35.79 19.48 10.97
N THR A 178 34.62 18.84 11.00
CA THR A 178 34.11 18.24 9.78
C THR A 178 32.97 19.02 9.12
N LEU A 179 32.11 19.61 9.95
CA LEU A 179 30.95 20.34 9.43
C LEU A 179 31.20 21.76 8.93
N GLN A 180 32.13 22.48 9.56
CA GLN A 180 32.41 23.84 9.15
C GLN A 180 33.58 23.93 8.19
N ARG A 181 33.87 22.83 7.50
CA ARG A 181 34.99 22.81 6.57
C ARG A 181 34.55 22.98 5.13
N THR A 182 35.53 23.23 4.27
CA THR A 182 35.31 23.37 2.84
C THR A 182 36.51 22.69 2.20
N ASP A 183 36.24 21.66 1.40
CA ASP A 183 37.31 20.94 0.72
C ASP A 183 37.17 21.33 -0.75
N ALA A 184 38.12 22.12 -1.26
CA ALA A 184 38.08 22.54 -2.65
C ALA A 184 38.24 21.29 -3.51
N PRO A 185 37.59 21.27 -4.67
CA PRO A 185 37.73 20.09 -5.52
C PRO A 185 39.11 19.94 -6.15
N LYS A 186 39.57 18.70 -6.29
CA LYS A 186 40.83 18.41 -6.94
C LYS A 186 40.33 18.10 -8.35
N THR A 187 40.82 18.84 -9.33
CA THR A 187 40.35 18.66 -10.70
C THR A 187 41.39 18.21 -11.72
N HIS A 188 40.91 17.54 -12.77
CA HIS A 188 41.76 17.08 -13.86
C HIS A 188 40.87 16.74 -15.04
N MET A 189 41.48 16.61 -16.22
CA MET A 189 40.72 16.30 -17.42
C MET A 189 41.21 15.01 -18.06
N THR A 190 40.29 14.23 -18.61
CA THR A 190 40.67 13.01 -19.30
C THR A 190 40.21 13.11 -20.75
N HIS A 191 40.85 12.34 -21.62
CA HIS A 191 40.53 12.37 -23.05
C HIS A 191 40.17 10.97 -23.48
N HIS A 192 39.06 10.84 -24.19
CA HIS A 192 38.59 9.53 -24.64
C HIS A 192 38.26 9.55 -26.13
N ALA A 193 39.05 8.83 -26.92
CA ALA A 193 38.84 8.76 -28.36
C ALA A 193 37.58 7.97 -28.67
N VAL A 194 36.66 8.60 -29.38
CA VAL A 194 35.40 7.96 -29.74
C VAL A 194 35.44 7.52 -31.21
N SER A 195 36.24 8.22 -32.00
CA SER A 195 36.40 7.92 -33.41
C SER A 195 37.56 8.76 -33.94
N ASP A 196 37.97 8.52 -35.18
CA ASP A 196 39.06 9.27 -35.77
C ASP A 196 38.61 10.68 -36.12
N HIS A 197 37.37 11.01 -35.77
CA HIS A 197 36.84 12.34 -36.06
C HIS A 197 36.51 13.17 -34.82
N GLU A 198 36.31 12.51 -33.69
CA GLU A 198 35.99 13.25 -32.47
C GLU A 198 36.43 12.52 -31.21
N ALA A 199 36.33 13.21 -30.07
CA ALA A 199 36.73 12.63 -28.80
C ALA A 199 35.91 13.22 -27.66
N THR A 200 35.86 12.49 -26.55
CA THR A 200 35.13 12.95 -25.38
C THR A 200 36.09 13.58 -24.37
N LEU A 201 35.86 14.84 -24.03
CA LEU A 201 36.68 15.51 -23.03
C LEU A 201 35.87 15.45 -21.74
N ARG A 202 36.49 14.94 -20.69
CA ARG A 202 35.81 14.83 -19.40
C ARG A 202 36.54 15.60 -18.31
N CYS A 203 35.81 16.48 -17.63
CA CYS A 203 36.32 17.34 -16.57
C CYS A 203 35.91 16.73 -15.23
N TRP A 204 36.88 16.33 -14.43
CA TRP A 204 36.60 15.73 -13.13
C TRP A 204 36.78 16.68 -11.94
N ALA A 205 35.92 16.53 -10.94
CA ALA A 205 35.97 17.32 -9.71
C ALA A 205 35.90 16.27 -8.61
N LEU A 206 36.98 16.13 -7.85
CA LEU A 206 37.01 15.13 -6.81
C LEU A 206 37.37 15.66 -5.43
N SER A 207 37.05 14.86 -4.43
CA SER A 207 37.36 15.15 -3.03
C SER A 207 36.88 16.51 -2.50
N PHE A 208 35.69 16.95 -2.92
CA PHE A 208 35.18 18.24 -2.48
C PHE A 208 34.03 18.15 -1.47
N TYR A 209 33.83 19.23 -0.72
CA TYR A 209 32.78 19.34 0.30
C TYR A 209 32.57 20.82 0.56
N PRO A 210 31.30 21.28 0.66
CA PRO A 210 30.05 20.50 0.55
C PRO A 210 29.81 19.98 -0.86
N ALA A 211 28.66 19.32 -1.05
CA ALA A 211 28.33 18.73 -2.35
C ALA A 211 27.99 19.72 -3.46
N GLU A 212 27.52 20.90 -3.10
CA GLU A 212 27.16 21.90 -4.10
C GLU A 212 28.36 22.25 -5.00
N ILE A 213 28.15 22.19 -6.31
CA ILE A 213 29.23 22.50 -7.23
C ILE A 213 28.67 22.75 -8.63
N THR A 214 29.40 23.53 -9.42
CA THR A 214 28.97 23.83 -10.78
C THR A 214 30.11 23.60 -11.78
N LEU A 215 29.87 22.71 -12.73
CA LEU A 215 30.84 22.39 -13.77
C LEU A 215 30.21 22.73 -15.12
N THR A 216 30.91 23.50 -15.93
CA THR A 216 30.41 23.88 -17.24
C THR A 216 31.51 23.92 -18.28
N TRP A 217 31.13 23.71 -19.54
CA TRP A 217 32.06 23.74 -20.65
C TRP A 217 31.80 24.96 -21.53
N GLN A 218 32.86 25.47 -22.15
CA GLN A 218 32.77 26.61 -23.05
C GLN A 218 33.65 26.32 -24.25
N ARG A 219 33.33 26.91 -25.39
CA ARG A 219 34.14 26.72 -26.58
C ARG A 219 34.53 28.09 -27.10
N ASP A 220 35.84 28.33 -27.16
CA ASP A 220 36.37 29.61 -27.63
C ASP A 220 35.66 30.78 -26.94
N GLY A 221 35.05 30.50 -25.79
CA GLY A 221 34.36 31.54 -25.05
C GLY A 221 32.87 31.28 -24.89
N GLU A 222 32.24 30.78 -25.95
CA GLU A 222 30.80 30.49 -25.92
C GLU A 222 30.48 29.38 -24.93
N ASP A 223 29.26 29.42 -24.39
CA ASP A 223 28.83 28.43 -23.42
C ASP A 223 28.22 27.19 -24.07
N GLN A 224 28.86 26.05 -23.84
CA GLN A 224 28.39 24.79 -24.39
C GLN A 224 27.33 24.20 -23.47
N THR A 225 26.33 23.55 -24.05
CA THR A 225 25.25 22.95 -23.28
C THR A 225 24.50 22.04 -24.24
N GLN A 226 23.72 21.10 -23.69
CA GLN A 226 22.96 20.16 -24.51
C GLN A 226 23.92 19.23 -25.24
N ASP A 227 25.19 19.64 -25.31
CA ASP A 227 26.23 18.85 -25.95
C ASP A 227 27.13 18.32 -24.83
N THR A 228 26.91 18.86 -23.64
CA THR A 228 27.67 18.48 -22.46
C THR A 228 26.89 17.52 -21.57
N GLU A 229 27.53 16.44 -21.16
CA GLU A 229 26.91 15.45 -20.29
C GLU A 229 27.38 15.62 -18.86
N LEU A 230 26.41 15.63 -17.93
CA LEU A 230 26.68 15.77 -16.50
C LEU A 230 26.12 14.57 -15.74
N VAL A 231 26.86 14.10 -14.74
CA VAL A 231 26.38 13.00 -13.93
C VAL A 231 26.00 13.60 -12.58
N GLU A 232 25.16 12.90 -11.82
CA GLU A 232 24.76 13.40 -10.52
C GLU A 232 25.95 13.41 -9.59
N THR A 233 26.04 14.43 -8.75
CA THR A 233 27.13 14.53 -7.79
C THR A 233 27.00 13.27 -6.93
N ARG A 234 28.13 12.59 -6.71
CA ARG A 234 28.11 11.35 -5.96
C ARG A 234 29.12 11.30 -4.82
N PRO A 235 28.83 10.48 -3.80
CA PRO A 235 29.70 10.31 -2.63
C PRO A 235 30.91 9.42 -2.91
N ALA A 236 32.07 9.85 -2.43
CA ALA A 236 33.30 9.09 -2.61
C ALA A 236 33.38 8.00 -1.54
N GLY A 237 32.63 8.20 -0.47
CA GLY A 237 32.61 7.24 0.63
C GLY A 237 33.45 7.68 1.81
N ASP A 238 34.27 8.71 1.61
CA ASP A 238 35.13 9.22 2.67
C ASP A 238 34.67 10.57 3.23
N GLY A 239 33.42 10.92 2.97
CA GLY A 239 32.90 12.19 3.45
C GLY A 239 33.03 13.27 2.41
N THR A 240 33.59 12.91 1.26
CA THR A 240 33.77 13.85 0.17
C THR A 240 32.91 13.47 -1.05
N PHE A 241 32.80 14.37 -2.02
CA PHE A 241 31.98 14.11 -3.19
C PHE A 241 32.74 14.23 -4.51
N GLN A 242 32.13 13.71 -5.58
CA GLN A 242 32.72 13.75 -6.91
C GLN A 242 31.68 14.12 -7.95
N LYS A 243 32.14 14.61 -9.09
CA LYS A 243 31.26 14.97 -10.18
C LYS A 243 32.10 15.15 -11.43
N TRP A 244 31.51 14.87 -12.60
CA TRP A 244 32.23 15.11 -13.84
C TRP A 244 31.28 15.62 -14.91
N ALA A 245 31.84 16.39 -15.84
CA ALA A 245 31.09 16.96 -16.95
C ALA A 245 31.90 16.58 -18.19
N ALA A 246 31.21 16.21 -19.27
CA ALA A 246 31.90 15.81 -20.49
C ALA A 246 31.28 16.46 -21.72
N VAL A 247 32.05 16.49 -22.81
CA VAL A 247 31.58 17.05 -24.07
C VAL A 247 32.30 16.36 -25.22
N VAL A 248 31.55 16.03 -26.28
CA VAL A 248 32.14 15.38 -27.44
C VAL A 248 32.70 16.48 -28.34
N VAL A 249 33.98 16.39 -28.64
CA VAL A 249 34.68 17.39 -29.44
C VAL A 249 35.34 16.78 -30.68
N PRO A 250 35.46 17.57 -31.76
CA PRO A 250 36.09 17.07 -32.99
C PRO A 250 37.61 17.02 -32.83
N SER A 251 38.21 15.89 -33.18
CA SER A 251 39.66 15.70 -33.07
C SER A 251 40.43 16.90 -33.62
N GLY A 252 41.43 17.33 -32.86
CA GLY A 252 42.24 18.47 -33.29
C GLY A 252 41.69 19.80 -32.81
N GLN A 253 40.53 19.77 -32.18
CA GLN A 253 39.92 21.00 -31.68
C GLN A 253 39.77 21.02 -30.17
N GLU A 254 40.29 19.99 -29.51
CA GLU A 254 40.20 19.87 -28.06
C GLU A 254 40.56 21.14 -27.31
N GLN A 255 41.70 21.73 -27.63
CA GLN A 255 42.14 22.94 -26.94
C GLN A 255 41.29 24.18 -27.14
N ARG A 256 40.18 24.03 -27.85
CA ARG A 256 39.28 25.16 -28.06
C ARG A 256 38.28 25.22 -26.91
N TYR A 257 38.10 24.07 -26.27
CA TYR A 257 37.17 23.93 -25.15
C TYR A 257 37.80 24.19 -23.80
N THR A 258 36.99 24.64 -22.86
CA THR A 258 37.47 24.92 -21.52
C THR A 258 36.43 24.54 -20.48
N CYS A 259 36.88 23.94 -19.38
CA CYS A 259 35.98 23.54 -18.31
C CYS A 259 36.06 24.56 -17.19
N HIS A 260 34.89 24.91 -16.63
CA HIS A 260 34.83 25.89 -15.56
C HIS A 260 34.24 25.27 -14.31
N VAL A 261 34.99 25.37 -13.22
CA VAL A 261 34.58 24.80 -11.94
C VAL A 261 34.28 25.88 -10.91
N GLN A 262 33.09 25.80 -10.33
CA GLN A 262 32.69 26.75 -9.30
C GLN A 262 32.37 25.98 -8.03
N HIS A 263 33.01 26.37 -6.94
CA HIS A 263 32.80 25.71 -5.66
C HIS A 263 33.16 26.62 -4.50
N GLU A 264 32.37 26.49 -3.43
CA GLU A 264 32.54 27.27 -2.22
C GLU A 264 33.98 27.30 -1.71
N GLY A 265 34.68 26.17 -1.85
CA GLY A 265 36.05 26.09 -1.38
C GLY A 265 37.12 26.68 -2.28
N LEU A 266 36.70 27.20 -3.43
CA LEU A 266 37.64 27.80 -4.38
C LEU A 266 37.59 29.31 -4.27
N PRO A 267 38.75 29.95 -4.00
CA PRO A 267 38.81 31.40 -3.89
C PRO A 267 38.15 32.05 -5.10
N LYS A 268 38.40 31.46 -6.27
CA LYS A 268 37.83 31.95 -7.52
C LYS A 268 37.64 30.76 -8.47
N PRO A 269 36.64 30.84 -9.37
CA PRO A 269 36.36 29.76 -10.32
C PRO A 269 37.61 29.26 -11.05
N LEU A 270 37.64 27.95 -11.33
CA LEU A 270 38.76 27.34 -12.02
C LEU A 270 38.46 27.15 -13.50
N THR A 271 39.51 27.20 -14.31
CA THR A 271 39.38 27.03 -15.74
C THR A 271 40.40 25.99 -16.21
N LEU A 272 39.91 24.88 -16.78
CA LEU A 272 40.78 23.81 -17.25
C LEU A 272 40.71 23.67 -18.77
N ARG A 273 41.87 23.60 -19.40
CA ARG A 273 41.96 23.44 -20.86
C ARG A 273 42.78 22.19 -21.08
N TRP A 274 42.35 21.34 -21.99
CA TRP A 274 43.07 20.10 -22.24
C TRP A 274 44.50 20.25 -22.73
N GLU A 275 45.33 19.27 -22.38
CA GLU A 275 46.74 19.22 -22.75
C GLU A 275 47.51 20.38 -22.14
N MET B 1 0.72 3.36 -8.77
CA MET B 1 1.73 3.61 -7.70
C MET B 1 2.83 4.49 -8.30
N ILE B 2 4.03 4.57 -7.70
CA ILE B 2 4.97 5.35 -8.45
C ILE B 2 6.15 4.44 -8.58
N GLN B 3 6.74 4.36 -9.76
CA GLN B 3 7.93 3.51 -9.93
C GLN B 3 9.00 4.24 -10.74
N ARG B 4 10.17 4.41 -10.14
CA ARG B 4 11.27 5.09 -10.83
C ARG B 4 12.45 4.12 -10.97
N THR B 5 13.03 4.09 -12.16
CA THR B 5 14.16 3.21 -12.45
C THR B 5 15.41 3.81 -11.82
N PRO B 6 16.26 2.96 -11.23
CA PRO B 6 17.49 3.47 -10.60
C PRO B 6 18.60 3.89 -11.56
N LYS B 7 19.25 5.01 -11.24
CA LYS B 7 20.38 5.48 -12.03
C LYS B 7 21.53 4.74 -11.36
N ILE B 8 22.54 4.36 -12.13
CA ILE B 8 23.66 3.61 -11.58
C ILE B 8 25.01 4.16 -12.00
N GLN B 9 25.88 4.43 -11.03
CA GLN B 9 27.23 4.93 -11.29
C GLN B 9 28.20 4.02 -10.56
N VAL B 10 29.15 3.47 -11.30
CA VAL B 10 30.16 2.59 -10.74
C VAL B 10 31.50 3.31 -10.88
N TYR B 11 32.19 3.50 -9.77
CA TYR B 11 33.44 4.24 -9.80
C TYR B 11 34.29 3.98 -8.57
N SER B 12 35.54 4.46 -8.60
CA SER B 12 36.44 4.28 -7.47
C SER B 12 36.52 5.57 -6.66
N ARG B 13 36.89 5.43 -5.39
CA ARG B 13 37.01 6.60 -4.52
C ARG B 13 38.17 7.48 -4.99
N HIS B 14 39.28 6.83 -5.31
CA HIS B 14 40.49 7.52 -5.79
C HIS B 14 40.81 7.07 -7.21
N PRO B 15 41.52 7.91 -7.97
CA PRO B 15 41.85 7.51 -9.34
C PRO B 15 42.62 6.20 -9.15
N ALA B 16 42.24 5.18 -9.90
CA ALA B 16 42.85 3.86 -9.74
C ALA B 16 44.28 3.66 -10.24
N GLU B 17 45.04 2.92 -9.44
CA GLU B 17 46.43 2.57 -9.75
C GLU B 17 46.58 1.11 -9.32
N ASN B 18 47.11 0.27 -10.20
CA ASN B 18 47.30 -1.14 -9.86
C ASN B 18 48.17 -1.26 -8.62
N GLY B 19 47.76 -2.12 -7.69
CA GLY B 19 48.53 -2.31 -6.48
C GLY B 19 48.17 -1.42 -5.31
N LYS B 20 47.43 -0.33 -5.55
CA LYS B 20 47.04 0.55 -4.47
C LYS B 20 45.61 0.29 -4.00
N SER B 21 45.46 0.05 -2.70
CA SER B 21 44.15 -0.21 -2.12
C SER B 21 43.25 0.98 -2.47
N ASN B 22 41.98 0.69 -2.74
CA ASN B 22 41.02 1.70 -3.14
C ASN B 22 39.64 1.21 -2.73
N PHE B 23 38.60 1.96 -3.07
CA PHE B 23 37.23 1.56 -2.78
C PHE B 23 36.42 1.56 -4.07
N LEU B 24 35.72 0.46 -4.31
CA LEU B 24 34.85 0.35 -5.48
C LEU B 24 33.46 0.77 -5.02
N ASN B 25 32.91 1.78 -5.67
CA ASN B 25 31.58 2.30 -5.33
C ASN B 25 30.52 2.09 -6.40
N CYS B 26 29.31 1.76 -5.94
CA CYS B 26 28.17 1.62 -6.84
C CYS B 26 27.08 2.48 -6.22
N TYR B 27 26.87 3.64 -6.82
CA TYR B 27 25.89 4.58 -6.32
C TYR B 27 24.61 4.46 -7.14
N VAL B 28 23.52 4.03 -6.48
CA VAL B 28 22.23 3.91 -7.13
C VAL B 28 21.32 4.98 -6.56
N SER B 29 20.69 5.75 -7.44
CA SER B 29 19.82 6.84 -7.00
C SER B 29 18.60 6.97 -7.89
N GLY B 30 17.69 7.86 -7.47
CA GLY B 30 16.47 8.14 -8.20
C GLY B 30 15.47 7.02 -8.39
N PHE B 31 15.54 5.99 -7.56
CA PHE B 31 14.62 4.86 -7.69
C PHE B 31 13.49 4.84 -6.67
N HIS B 32 12.44 4.08 -6.99
CA HIS B 32 11.27 3.95 -6.11
C HIS B 32 10.43 2.81 -6.69
N PRO B 33 9.97 1.87 -5.85
CA PRO B 33 10.16 1.75 -4.39
C PRO B 33 11.61 1.51 -3.97
N SER B 34 11.84 1.53 -2.66
CA SER B 34 13.16 1.34 -2.08
C SER B 34 13.72 -0.07 -2.23
N ASP B 35 12.85 -1.06 -2.43
CA ASP B 35 13.31 -2.44 -2.56
C ASP B 35 14.26 -2.53 -3.75
N ILE B 36 15.50 -2.94 -3.50
CA ILE B 36 16.47 -3.02 -4.58
C ILE B 36 17.58 -4.02 -4.25
N GLU B 37 18.09 -4.68 -5.29
CA GLU B 37 19.16 -5.65 -5.10
C GLU B 37 20.41 -5.13 -5.80
N VAL B 38 21.49 -5.01 -5.05
CA VAL B 38 22.74 -4.51 -5.59
C VAL B 38 23.90 -5.40 -5.20
N ASP B 39 24.66 -5.82 -6.20
CA ASP B 39 25.82 -6.67 -5.98
C ASP B 39 27.01 -6.08 -6.72
N LEU B 40 28.19 -6.26 -6.15
CA LEU B 40 29.42 -5.79 -6.76
C LEU B 40 30.07 -7.07 -7.28
N LEU B 41 30.49 -7.05 -8.54
CA LEU B 41 31.09 -8.24 -9.14
C LEU B 41 32.56 -8.08 -9.52
N LYS B 42 33.31 -9.16 -9.33
CA LYS B 42 34.72 -9.20 -9.69
C LYS B 42 34.84 -10.37 -10.67
N ASN B 43 35.16 -10.05 -11.92
CA ASN B 43 35.30 -11.07 -12.95
C ASN B 43 34.02 -11.89 -13.02
N GLY B 44 32.88 -11.19 -12.87
CA GLY B 44 31.59 -11.84 -12.95
C GLY B 44 31.07 -12.46 -11.66
N GLU B 45 31.93 -12.63 -10.66
CA GLU B 45 31.49 -13.23 -9.40
C GLU B 45 31.16 -12.23 -8.30
N ARG B 46 30.09 -12.53 -7.56
CA ARG B 46 29.64 -11.66 -6.48
C ARG B 46 30.66 -11.55 -5.37
N ILE B 47 30.90 -10.32 -4.92
CA ILE B 47 31.84 -10.05 -3.84
C ILE B 47 31.05 -10.14 -2.54
N GLU B 48 31.52 -10.93 -1.59
CA GLU B 48 30.81 -11.11 -0.33
C GLU B 48 30.93 -9.92 0.63
N LYS B 49 32.13 -9.38 0.78
CA LYS B 49 32.35 -8.24 1.67
C LYS B 49 31.90 -6.92 1.07
N VAL B 50 30.59 -6.68 1.06
CA VAL B 50 30.07 -5.43 0.51
C VAL B 50 29.15 -4.75 1.52
N GLU B 51 29.43 -3.48 1.81
CA GLU B 51 28.62 -2.72 2.75
C GLU B 51 27.84 -1.67 1.97
N HIS B 52 26.84 -1.07 2.59
CA HIS B 52 26.06 -0.04 1.93
C HIS B 52 25.60 1.02 2.92
N SER B 53 25.29 2.20 2.40
CA SER B 53 24.85 3.32 3.21
C SER B 53 23.45 3.08 3.73
N ASP B 54 23.00 3.92 4.66
CA ASP B 54 21.66 3.82 5.22
C ASP B 54 20.69 4.48 4.25
N LEU B 55 19.63 3.75 3.91
CA LEU B 55 18.63 4.24 2.98
C LEU B 55 18.21 5.68 3.28
N SER B 56 18.27 6.53 2.26
CA SER B 56 17.88 7.92 2.40
C SER B 56 17.24 8.34 1.09
N PHE B 57 16.78 9.59 1.00
CA PHE B 57 16.14 10.02 -0.23
C PHE B 57 16.25 11.52 -0.52
N SER B 58 16.00 11.88 -1.76
CA SER B 58 16.09 13.26 -2.21
C SER B 58 14.77 14.03 -2.05
N LYS B 59 14.79 15.29 -2.46
CA LYS B 59 13.63 16.16 -2.36
C LYS B 59 12.42 15.63 -3.13
N ASP B 60 12.66 14.84 -4.18
CA ASP B 60 11.55 14.30 -4.98
C ASP B 60 11.10 12.95 -4.44
N TRP B 61 11.64 12.58 -3.28
CA TRP B 61 11.32 11.33 -2.59
C TRP B 61 12.02 10.08 -3.13
N SER B 62 12.77 10.23 -4.22
CA SER B 62 13.48 9.09 -4.79
C SER B 62 14.62 8.70 -3.86
N PHE B 63 14.86 7.39 -3.74
CA PHE B 63 15.89 6.87 -2.86
C PHE B 63 17.28 6.83 -3.49
N TYR B 64 18.29 6.67 -2.64
CA TYR B 64 19.67 6.56 -3.06
C TYR B 64 20.45 5.76 -2.03
N LEU B 65 21.37 4.94 -2.51
CA LEU B 65 22.19 4.10 -1.66
C LEU B 65 23.58 3.99 -2.26
N LEU B 66 24.57 3.79 -1.40
CA LEU B 66 25.94 3.62 -1.84
C LEU B 66 26.42 2.26 -1.41
N TYR B 67 26.82 1.42 -2.36
CA TYR B 67 27.37 0.11 -2.04
C TYR B 67 28.85 0.25 -2.30
N TYR B 68 29.67 -0.30 -1.42
CA TYR B 68 31.11 -0.18 -1.59
C TYR B 68 31.87 -1.34 -0.99
N THR B 69 33.09 -1.51 -1.47
CA THR B 69 33.97 -2.57 -0.99
C THR B 69 35.40 -2.15 -1.24
N GLU B 70 36.29 -2.50 -0.32
CA GLU B 70 37.69 -2.16 -0.47
C GLU B 70 38.32 -3.19 -1.40
N PHE B 71 39.06 -2.71 -2.40
CA PHE B 71 39.71 -3.60 -3.34
C PHE B 71 41.01 -3.00 -3.83
N THR B 72 41.85 -3.85 -4.43
CA THR B 72 43.12 -3.42 -4.97
C THR B 72 43.09 -3.71 -6.46
N PRO B 73 43.01 -2.66 -7.29
CA PRO B 73 42.98 -2.77 -8.74
C PRO B 73 44.16 -3.54 -9.32
N THR B 74 43.87 -4.30 -10.37
CA THR B 74 44.86 -5.09 -11.10
C THR B 74 44.61 -4.71 -12.55
N GLU B 75 45.55 -4.99 -13.43
CA GLU B 75 45.33 -4.65 -14.83
C GLU B 75 44.33 -5.64 -15.43
N LYS B 76 44.33 -6.86 -14.90
CA LYS B 76 43.47 -7.94 -15.38
C LYS B 76 42.02 -7.92 -14.89
N ASP B 77 41.84 -7.94 -13.57
CA ASP B 77 40.52 -7.97 -12.95
C ASP B 77 39.50 -6.96 -13.44
N GLU B 78 38.29 -7.45 -13.70
CA GLU B 78 37.18 -6.63 -14.16
C GLU B 78 36.13 -6.55 -13.06
N TYR B 79 35.61 -5.36 -12.82
CA TYR B 79 34.60 -5.15 -11.79
C TYR B 79 33.33 -4.56 -12.39
N ALA B 80 32.21 -4.80 -11.71
CA ALA B 80 30.94 -4.28 -12.20
C ALA B 80 29.89 -4.29 -11.09
N CYS B 81 28.81 -3.58 -11.33
CA CYS B 81 27.70 -3.51 -10.37
C CYS B 81 26.46 -4.12 -11.01
N ARG B 82 25.84 -5.07 -10.33
CA ARG B 82 24.64 -5.71 -10.84
C ARG B 82 23.44 -5.25 -10.03
N VAL B 83 22.51 -4.57 -10.70
CA VAL B 83 21.33 -4.05 -10.03
C VAL B 83 20.03 -4.64 -10.58
N ASN B 84 19.12 -4.97 -9.69
CA ASN B 84 17.81 -5.47 -10.09
C ASN B 84 16.79 -4.69 -9.26
N HIS B 85 15.75 -4.22 -9.92
CA HIS B 85 14.69 -3.45 -9.30
C HIS B 85 13.38 -3.90 -9.95
N VAL B 86 12.25 -3.57 -9.33
CA VAL B 86 10.97 -3.97 -9.89
C VAL B 86 10.82 -3.36 -11.29
N THR B 87 11.40 -2.18 -11.47
CA THR B 87 11.34 -1.48 -12.74
C THR B 87 12.18 -2.14 -13.83
N LEU B 88 13.07 -3.05 -13.42
CA LEU B 88 13.93 -3.74 -14.37
C LEU B 88 13.43 -5.15 -14.67
N SER B 89 13.30 -5.47 -15.96
CA SER B 89 12.83 -6.80 -16.37
C SER B 89 13.88 -7.86 -16.05
N GLN B 90 15.15 -7.46 -16.14
CA GLN B 90 16.27 -8.35 -15.87
C GLN B 90 17.37 -7.54 -15.18
N PRO B 91 18.28 -8.20 -14.45
CA PRO B 91 19.36 -7.47 -13.78
C PRO B 91 20.14 -6.63 -14.77
N LYS B 92 20.48 -5.41 -14.36
CA LYS B 92 21.26 -4.53 -15.22
C LYS B 92 22.69 -4.54 -14.71
N ILE B 93 23.64 -4.67 -15.63
CA ILE B 93 25.05 -4.71 -15.25
C ILE B 93 25.81 -3.51 -15.81
N VAL B 94 26.37 -2.70 -14.91
CA VAL B 94 27.14 -1.53 -15.27
C VAL B 94 28.58 -1.84 -14.87
N LYS B 95 29.48 -1.85 -15.86
CA LYS B 95 30.88 -2.16 -15.60
C LYS B 95 31.68 -0.95 -15.12
N TRP B 96 32.76 -1.22 -14.40
CA TRP B 96 33.62 -0.15 -13.93
C TRP B 96 34.59 0.10 -15.08
N ASP B 97 34.44 1.24 -15.76
CA ASP B 97 35.30 1.56 -16.89
C ASP B 97 36.64 2.19 -16.53
N ARG B 98 36.84 2.47 -15.25
CA ARG B 98 38.04 3.16 -14.76
C ARG B 98 38.54 4.17 -15.81
N ASP B 99 37.80 5.28 -15.87
CA ASP B 99 38.09 6.37 -16.79
C ASP B 99 38.78 7.55 -16.12
N MET B 100 38.65 7.68 -14.80
CA MET B 100 39.26 8.83 -14.15
C MET B 100 40.78 8.75 -14.10
N LEU C 1 18.59 16.91 16.85
CA LEU C 1 17.65 16.33 17.85
C LEU C 1 16.25 16.16 17.24
N LEU C 2 15.66 15.00 17.49
CA LEU C 2 14.33 14.65 16.98
C LEU C 2 13.16 15.46 17.57
N PHE C 3 12.10 15.58 16.79
CA PHE C 3 10.87 16.26 17.21
C PHE C 3 10.26 15.28 18.22
N GLY C 4 9.75 15.79 19.34
CA GLY C 4 9.22 14.90 20.37
C GLY C 4 7.73 14.67 20.46
N TYR C 5 6.97 15.22 19.53
CA TYR C 5 5.51 15.08 19.54
C TYR C 5 5.05 14.02 18.52
N PRO C 6 4.46 12.90 18.99
CA PRO C 6 4.00 11.87 18.04
C PRO C 6 2.88 12.43 17.15
N VAL C 7 3.00 12.19 15.85
CA VAL C 7 2.02 12.67 14.88
C VAL C 7 1.50 11.49 14.03
N TYR C 8 0.18 11.45 13.81
CA TYR C 8 -0.45 10.37 13.04
C TYR C 8 -1.26 10.92 11.86
N VAL C 9 -1.09 10.34 10.67
CA VAL C 9 -1.84 10.83 9.50
C VAL C 9 -3.31 10.39 9.62
N GLY D 1 -38.29 -24.81 -9.86
CA GLY D 1 -38.43 -23.54 -9.10
C GLY D 1 -38.11 -23.71 -7.62
N SER D 2 -36.93 -24.24 -7.32
CA SER D 2 -36.52 -24.45 -5.95
C SER D 2 -35.79 -23.21 -5.46
N HIS D 3 -35.66 -23.07 -4.14
CA HIS D 3 -34.98 -21.92 -3.57
C HIS D 3 -33.96 -22.33 -2.54
N SER D 4 -33.05 -21.41 -2.24
CA SER D 4 -32.02 -21.69 -1.26
C SER D 4 -31.67 -20.48 -0.43
N MET D 5 -31.20 -20.73 0.79
CA MET D 5 -30.74 -19.68 1.66
C MET D 5 -29.33 -20.09 2.04
N ARG D 6 -28.40 -19.14 1.98
CA ARG D 6 -27.01 -19.45 2.30
C ARG D 6 -26.33 -18.33 3.06
N TYR D 7 -25.48 -18.69 3.99
CA TYR D 7 -24.69 -17.70 4.72
C TYR D 7 -23.24 -18.08 4.44
N PHE D 8 -22.45 -17.08 4.10
CA PHE D 8 -21.04 -17.26 3.80
C PHE D 8 -20.24 -16.45 4.79
N PHE D 9 -19.22 -17.06 5.38
CA PHE D 9 -18.38 -16.37 6.36
C PHE D 9 -16.91 -16.50 5.99
N THR D 10 -16.21 -15.37 6.03
CA THR D 10 -14.78 -15.36 5.72
C THR D 10 -14.03 -14.61 6.82
N SER D 11 -12.99 -15.23 7.37
CA SER D 11 -12.16 -14.58 8.39
C SER D 11 -10.71 -14.71 7.93
N VAL D 12 -10.01 -13.59 7.88
CA VAL D 12 -8.62 -13.59 7.41
C VAL D 12 -7.71 -12.97 8.47
N SER D 13 -6.75 -13.74 8.97
CA SER D 13 -5.84 -13.21 9.98
C SER D 13 -4.92 -12.16 9.35
N ARG D 14 -4.49 -11.20 10.17
CA ARG D 14 -3.62 -10.11 9.74
C ARG D 14 -2.69 -9.82 10.92
N PRO D 15 -1.79 -10.77 11.24
CA PRO D 15 -0.84 -10.65 12.35
C PRO D 15 -0.21 -9.27 12.49
N GLY D 16 -0.22 -8.77 13.72
CA GLY D 16 0.36 -7.47 14.00
C GLY D 16 -0.47 -6.30 13.47
N ARG D 17 -1.52 -6.61 12.73
CA ARG D 17 -2.38 -5.56 12.18
C ARG D 17 -3.78 -5.59 12.78
N GLY D 18 -3.88 -6.15 13.98
CA GLY D 18 -5.16 -6.22 14.67
C GLY D 18 -5.91 -7.53 14.52
N GLU D 19 -7.21 -7.48 14.81
CA GLU D 19 -8.09 -8.64 14.73
C GLU D 19 -8.30 -9.03 13.28
N PRO D 20 -8.63 -10.30 13.03
CA PRO D 20 -8.85 -10.74 11.64
C PRO D 20 -9.99 -9.96 11.00
N ARG D 21 -9.93 -9.81 9.67
CA ARG D 21 -10.98 -9.15 8.94
C ARG D 21 -12.09 -10.19 8.80
N PHE D 22 -13.29 -9.88 9.30
CA PHE D 22 -14.42 -10.80 9.25
C PHE D 22 -15.54 -10.25 8.38
N ILE D 23 -15.98 -11.04 7.39
CA ILE D 23 -17.04 -10.63 6.49
C ILE D 23 -18.07 -11.74 6.35
N ALA D 24 -19.32 -11.44 6.69
CA ALA D 24 -20.42 -12.39 6.59
C ALA D 24 -21.48 -11.85 5.65
N VAL D 25 -22.00 -12.71 4.78
CA VAL D 25 -23.04 -12.30 3.86
C VAL D 25 -24.11 -13.39 3.79
N GLY D 26 -25.37 -12.94 3.67
CA GLY D 26 -26.48 -13.87 3.57
C GLY D 26 -27.14 -13.71 2.23
N TYR D 27 -27.51 -14.84 1.63
CA TYR D 27 -28.16 -14.86 0.32
C TYR D 27 -29.43 -15.69 0.30
N VAL D 28 -30.39 -15.25 -0.51
CA VAL D 28 -31.60 -16.03 -0.75
C VAL D 28 -31.48 -16.14 -2.26
N ASP D 29 -31.22 -17.36 -2.74
CA ASP D 29 -31.02 -17.58 -4.17
C ASP D 29 -29.85 -16.71 -4.60
N ASP D 30 -29.97 -15.97 -5.70
CA ASP D 30 -28.85 -15.14 -6.15
C ASP D 30 -28.91 -13.69 -5.64
N THR D 31 -29.71 -13.46 -4.60
CA THR D 31 -29.85 -12.13 -4.03
C THR D 31 -29.30 -12.00 -2.61
N GLN D 32 -28.31 -11.13 -2.44
CA GLN D 32 -27.76 -10.91 -1.10
C GLN D 32 -28.79 -10.10 -0.31
N PHE D 33 -28.98 -10.41 0.96
CA PHE D 33 -29.95 -9.64 1.75
C PHE D 33 -29.40 -9.05 3.04
N VAL D 34 -28.31 -9.61 3.56
CA VAL D 34 -27.67 -9.07 4.77
C VAL D 34 -26.16 -9.18 4.68
N ARG D 35 -25.48 -8.44 5.55
CA ARG D 35 -24.04 -8.51 5.60
C ARG D 35 -23.56 -7.99 6.94
N PHE D 36 -22.32 -8.34 7.29
CA PHE D 36 -21.65 -7.85 8.48
C PHE D 36 -20.21 -7.73 8.06
N ASP D 37 -19.61 -6.58 8.30
CA ASP D 37 -18.22 -6.37 7.93
C ASP D 37 -17.52 -5.81 9.17
N SER D 38 -16.55 -6.55 9.71
CA SER D 38 -15.84 -6.13 10.90
C SER D 38 -15.20 -4.74 10.75
N ASP D 39 -14.89 -4.35 9.53
CA ASP D 39 -14.26 -3.07 9.26
C ASP D 39 -15.25 -1.93 8.99
N ALA D 40 -16.55 -2.23 9.04
CA ALA D 40 -17.56 -1.20 8.81
C ALA D 40 -17.79 -0.44 10.11
N ALA D 41 -18.35 0.76 9.99
CA ALA D 41 -18.59 1.61 11.16
C ALA D 41 -19.68 1.16 12.13
N SER D 42 -20.77 0.60 11.61
CA SER D 42 -21.87 0.21 12.47
C SER D 42 -21.64 -0.92 13.46
N GLN D 43 -20.83 -1.90 13.08
CA GLN D 43 -20.61 -3.08 13.92
C GLN D 43 -21.97 -3.73 14.17
N ARG D 44 -22.82 -3.71 13.14
CA ARG D 44 -24.16 -4.30 13.21
C ARG D 44 -24.42 -5.14 11.97
N MET D 45 -25.33 -6.12 12.07
CA MET D 45 -25.69 -6.89 10.90
C MET D 45 -26.48 -5.83 10.11
N GLU D 46 -26.21 -5.71 8.80
CA GLU D 46 -26.86 -4.69 7.98
C GLU D 46 -27.64 -5.24 6.79
N PRO D 47 -28.79 -4.61 6.46
CA PRO D 47 -29.61 -5.05 5.33
C PRO D 47 -28.93 -4.74 4.00
N ARG D 48 -29.16 -5.61 3.01
CA ARG D 48 -28.60 -5.43 1.66
C ARG D 48 -29.72 -5.55 0.63
N ALA D 49 -30.93 -5.74 1.12
CA ALA D 49 -32.12 -5.84 0.27
C ALA D 49 -33.21 -5.21 1.11
N PRO D 50 -33.97 -4.25 0.53
CA PRO D 50 -35.05 -3.56 1.22
C PRO D 50 -36.08 -4.41 1.95
N TRP D 51 -36.49 -5.52 1.34
CA TRP D 51 -37.49 -6.37 1.96
C TRP D 51 -37.12 -6.95 3.33
N ILE D 52 -35.83 -7.07 3.63
CA ILE D 52 -35.43 -7.61 4.93
C ILE D 52 -35.69 -6.55 5.99
N GLU D 53 -35.85 -5.29 5.57
CA GLU D 53 -36.11 -4.23 6.53
C GLU D 53 -37.51 -4.32 7.15
N GLN D 54 -38.29 -5.29 6.71
CA GLN D 54 -39.60 -5.49 7.31
C GLN D 54 -39.40 -6.18 8.67
N GLU D 55 -38.20 -6.69 8.93
CA GLU D 55 -37.92 -7.33 10.21
C GLU D 55 -37.69 -6.23 11.24
N GLY D 56 -38.23 -6.43 12.45
CA GLY D 56 -38.11 -5.44 13.51
C GLY D 56 -36.79 -5.37 14.27
N PRO D 57 -36.69 -4.47 15.25
CA PRO D 57 -35.52 -4.23 16.10
C PRO D 57 -34.89 -5.48 16.72
N GLU D 58 -35.71 -6.40 17.19
CA GLU D 58 -35.16 -7.61 17.79
C GLU D 58 -34.48 -8.51 16.77
N TYR D 59 -34.94 -8.47 15.52
CA TYR D 59 -34.31 -9.29 14.49
C TYR D 59 -32.87 -8.83 14.35
N TRP D 60 -32.68 -7.53 14.17
CA TRP D 60 -31.35 -6.99 13.99
C TRP D 60 -30.43 -7.16 15.19
N ASP D 61 -30.96 -7.01 16.40
CA ASP D 61 -30.12 -7.17 17.58
C ASP D 61 -29.70 -8.63 17.71
N GLY D 62 -30.65 -9.52 17.45
CA GLY D 62 -30.38 -10.95 17.54
C GLY D 62 -29.36 -11.39 16.51
N GLU D 63 -29.57 -11.00 15.26
CA GLU D 63 -28.64 -11.36 14.21
C GLU D 63 -27.27 -10.72 14.45
N THR D 64 -27.25 -9.52 15.00
CA THR D 64 -25.94 -8.87 15.27
C THR D 64 -25.20 -9.68 16.34
N ARG D 65 -25.92 -10.07 17.38
CA ARG D 65 -25.33 -10.86 18.45
C ARG D 65 -24.77 -12.17 17.89
N LYS D 66 -25.59 -12.89 17.12
CA LYS D 66 -25.13 -14.15 16.55
C LYS D 66 -23.98 -14.04 15.54
N VAL D 67 -23.96 -13.01 14.69
CA VAL D 67 -22.86 -12.90 13.74
C VAL D 67 -21.56 -12.57 14.45
N LYS D 68 -21.66 -11.83 15.55
CA LYS D 68 -20.47 -11.49 16.31
C LYS D 68 -19.95 -12.77 16.99
N ALA D 69 -20.86 -13.66 17.36
CA ALA D 69 -20.46 -14.92 17.98
C ALA D 69 -19.72 -15.74 16.93
N HIS D 70 -20.17 -15.67 15.67
CA HIS D 70 -19.50 -16.39 14.58
C HIS D 70 -18.10 -15.80 14.43
N SER D 71 -18.00 -14.47 14.48
CA SER D 71 -16.72 -13.80 14.34
C SER D 71 -15.75 -14.29 15.39
N GLN D 72 -16.20 -14.31 16.64
CA GLN D 72 -15.38 -14.71 17.77
C GLN D 72 -14.91 -16.16 17.62
N THR D 73 -15.80 -17.03 17.17
CA THR D 73 -15.43 -18.43 16.98
C THR D 73 -14.33 -18.56 15.94
N HIS D 74 -14.46 -17.85 14.82
CA HIS D 74 -13.44 -17.93 13.78
C HIS D 74 -12.10 -17.37 14.26
N ARG D 75 -12.17 -16.35 15.10
CA ARG D 75 -10.96 -15.73 15.64
C ARG D 75 -10.21 -16.80 16.43
N VAL D 76 -10.92 -17.55 17.26
CA VAL D 76 -10.30 -18.62 18.04
C VAL D 76 -9.81 -19.73 17.11
N ASP D 77 -10.62 -20.08 16.11
CA ASP D 77 -10.27 -21.13 15.16
C ASP D 77 -8.96 -20.86 14.44
N LEU D 78 -8.75 -19.61 14.01
CA LEU D 78 -7.52 -19.27 13.31
C LEU D 78 -6.31 -19.65 14.16
N GLY D 79 -6.42 -19.40 15.45
CA GLY D 79 -5.34 -19.74 16.36
C GLY D 79 -5.21 -21.26 16.48
N THR D 80 -6.35 -21.94 16.58
CA THR D 80 -6.37 -23.39 16.70
C THR D 80 -5.78 -24.08 15.48
N LEU D 81 -6.22 -23.66 14.29
CA LEU D 81 -5.75 -24.26 13.05
C LEU D 81 -4.26 -24.01 12.81
N ARG D 82 -3.77 -22.87 13.26
CA ARG D 82 -2.37 -22.54 13.10
C ARG D 82 -1.58 -23.55 13.94
N GLY D 83 -2.15 -23.93 15.07
CA GLY D 83 -1.50 -24.89 15.94
C GLY D 83 -1.57 -26.30 15.38
N TYR D 84 -2.71 -26.68 14.83
CA TYR D 84 -2.87 -28.02 14.24
C TYR D 84 -1.89 -28.23 13.09
N TYR D 85 -1.64 -27.17 12.34
CA TYR D 85 -0.76 -27.28 11.19
C TYR D 85 0.67 -26.78 11.41
N ASN D 86 1.00 -26.45 12.66
CA ASN D 86 2.34 -25.98 13.02
C ASN D 86 2.81 -24.85 12.10
N GLN D 87 2.01 -23.79 12.00
CA GLN D 87 2.35 -22.66 11.17
C GLN D 87 2.76 -21.49 12.07
N SER D 88 3.61 -20.62 11.55
CA SER D 88 4.06 -19.47 12.34
C SER D 88 2.94 -18.46 12.49
N GLU D 89 3.09 -17.57 13.46
CA GLU D 89 2.10 -16.56 13.73
C GLU D 89 2.26 -15.32 12.86
N ALA D 90 3.20 -15.37 11.91
CA ALA D 90 3.46 -14.21 11.05
C ALA D 90 2.61 -14.18 9.79
N GLY D 91 2.31 -15.35 9.24
CA GLY D 91 1.53 -15.39 8.02
C GLY D 91 0.05 -15.18 8.18
N SER D 92 -0.59 -14.73 7.11
CA SER D 92 -2.04 -14.52 7.10
C SER D 92 -2.69 -15.83 6.67
N HIS D 93 -3.78 -16.21 7.34
CA HIS D 93 -4.50 -17.43 6.99
C HIS D 93 -5.98 -17.13 6.90
N THR D 94 -6.71 -18.02 6.25
CA THR D 94 -8.14 -17.85 6.02
C THR D 94 -9.00 -19.01 6.49
N VAL D 95 -10.13 -18.65 7.08
CA VAL D 95 -11.09 -19.64 7.52
C VAL D 95 -12.40 -19.25 6.83
N GLN D 96 -13.04 -20.21 6.18
CA GLN D 96 -14.30 -19.97 5.50
C GLN D 96 -15.33 -20.95 5.98
N ARG D 97 -16.57 -20.49 6.10
CA ARG D 97 -17.65 -21.32 6.57
C ARG D 97 -18.85 -21.00 5.71
N MET D 98 -19.64 -22.03 5.41
CA MET D 98 -20.83 -21.84 4.62
C MET D 98 -21.87 -22.83 5.11
N TYR D 99 -23.09 -22.37 5.26
CA TYR D 99 -24.18 -23.23 5.65
C TYR D 99 -25.48 -22.70 5.08
N GLY D 100 -26.46 -23.58 4.97
CA GLY D 100 -27.73 -23.17 4.43
C GLY D 100 -28.58 -24.36 4.03
N CYS D 101 -29.72 -24.07 3.40
CA CYS D 101 -30.66 -25.12 3.01
C CYS D 101 -31.31 -24.85 1.67
N ASP D 102 -31.77 -25.92 1.03
CA ASP D 102 -32.48 -25.81 -0.24
C ASP D 102 -33.88 -26.34 -0.01
N VAL D 103 -34.87 -25.69 -0.65
CA VAL D 103 -36.26 -26.12 -0.57
C VAL D 103 -36.72 -26.28 -2.02
N GLY D 104 -37.61 -27.23 -2.30
CA GLY D 104 -38.04 -27.44 -3.67
C GLY D 104 -39.54 -27.29 -3.90
N SER D 105 -40.14 -28.26 -4.60
CA SER D 105 -41.57 -28.24 -4.88
C SER D 105 -42.28 -28.00 -3.56
N ASP D 106 -43.30 -27.16 -3.57
CA ASP D 106 -43.99 -26.82 -2.32
C ASP D 106 -42.84 -26.19 -1.55
N TRP D 107 -42.86 -26.25 -0.23
CA TRP D 107 -41.76 -25.67 0.51
C TRP D 107 -41.09 -26.78 1.27
N ARG D 108 -40.81 -27.87 0.56
CA ARG D 108 -40.19 -29.06 1.15
C ARG D 108 -38.68 -28.99 1.25
N PHE D 109 -38.17 -29.32 2.43
CA PHE D 109 -36.74 -29.35 2.67
C PHE D 109 -36.14 -30.36 1.70
N LEU D 110 -35.09 -29.96 1.01
CA LEU D 110 -34.40 -30.82 0.05
C LEU D 110 -33.05 -31.23 0.60
N ARG D 111 -32.30 -30.27 1.12
CA ARG D 111 -30.97 -30.58 1.67
C ARG D 111 -30.42 -29.43 2.48
N GLY D 112 -29.47 -29.77 3.36
CA GLY D 112 -28.83 -28.80 4.21
C GLY D 112 -27.33 -28.91 4.06
N TYR D 113 -26.62 -27.82 4.35
CA TYR D 113 -25.17 -27.79 4.21
C TYR D 113 -24.54 -27.05 5.38
N HIS D 114 -23.34 -27.50 5.75
CA HIS D 114 -22.55 -26.83 6.77
C HIS D 114 -21.12 -27.29 6.54
N GLN D 115 -20.41 -26.52 5.72
CA GLN D 115 -19.03 -26.79 5.33
C GLN D 115 -18.04 -25.79 5.89
N TYR D 116 -16.83 -26.27 6.14
CA TYR D 116 -15.77 -25.46 6.71
C TYR D 116 -14.48 -25.65 5.90
N ALA D 117 -13.72 -24.58 5.71
CA ALA D 117 -12.47 -24.68 4.96
C ALA D 117 -11.36 -23.84 5.58
N TYR D 118 -10.12 -24.31 5.41
CA TYR D 118 -8.96 -23.61 5.94
C TYR D 118 -7.98 -23.37 4.79
N ASP D 119 -7.61 -22.11 4.60
CA ASP D 119 -6.71 -21.69 3.53
C ASP D 119 -7.14 -22.19 2.15
N GLY D 120 -8.45 -22.21 1.92
CA GLY D 120 -8.96 -22.61 0.62
C GLY D 120 -9.21 -24.09 0.35
N LYS D 121 -8.97 -24.95 1.32
CA LYS D 121 -9.19 -26.38 1.11
C LYS D 121 -10.19 -26.94 2.12
N ASP D 122 -10.99 -27.91 1.68
CA ASP D 122 -11.99 -28.53 2.55
C ASP D 122 -11.36 -28.97 3.87
N TYR D 123 -12.02 -28.68 4.97
CA TYR D 123 -11.53 -29.06 6.28
C TYR D 123 -12.49 -30.08 6.89
N ILE D 124 -13.76 -29.68 7.03
CA ILE D 124 -14.77 -30.57 7.59
C ILE D 124 -16.14 -30.14 7.09
N ALA D 125 -16.98 -31.12 6.74
CA ALA D 125 -18.31 -30.83 6.23
C ALA D 125 -19.34 -31.79 6.79
N LEU D 126 -20.55 -31.29 7.00
CA LEU D 126 -21.64 -32.10 7.51
C LEU D 126 -22.15 -32.92 6.34
N LYS D 127 -22.35 -34.21 6.54
CA LYS D 127 -22.84 -35.06 5.47
C LYS D 127 -24.34 -34.89 5.24
N GLU D 128 -24.80 -35.38 4.09
CA GLU D 128 -26.20 -35.27 3.68
C GLU D 128 -27.20 -35.74 4.75
N ASP D 129 -26.80 -36.70 5.56
CA ASP D 129 -27.69 -37.21 6.61
C ASP D 129 -27.82 -36.23 7.79
N LEU D 130 -27.01 -35.17 7.78
CA LEU D 130 -27.07 -34.18 8.86
C LEU D 130 -26.76 -34.78 10.22
N ARG D 131 -26.02 -35.89 10.24
CA ARG D 131 -25.68 -36.52 11.50
C ARG D 131 -24.20 -36.89 11.61
N SER D 132 -23.53 -37.03 10.48
CA SER D 132 -22.12 -37.40 10.48
C SER D 132 -21.25 -36.38 9.76
N TRP D 133 -19.95 -36.43 10.06
CA TRP D 133 -19.00 -35.50 9.47
C TRP D 133 -17.96 -36.13 8.54
N THR D 134 -17.50 -35.34 7.58
CA THR D 134 -16.47 -35.77 6.64
C THR D 134 -15.25 -34.89 6.93
N ALA D 135 -14.25 -35.48 7.58
CA ALA D 135 -13.02 -34.76 7.92
C ALA D 135 -11.97 -34.94 6.84
N ALA D 136 -11.44 -33.83 6.34
CA ALA D 136 -10.44 -33.87 5.28
C ALA D 136 -9.10 -34.45 5.71
N ASP D 137 -8.77 -34.38 7.00
CA ASP D 137 -7.49 -34.93 7.47
C ASP D 137 -7.45 -35.22 8.97
N MET D 138 -6.26 -35.53 9.45
CA MET D 138 -6.07 -35.86 10.86
C MET D 138 -6.50 -34.70 11.76
N ALA D 139 -6.18 -33.48 11.36
CA ALA D 139 -6.56 -32.31 12.13
C ALA D 139 -8.09 -32.25 12.20
N ALA D 140 -8.72 -32.38 11.03
CA ALA D 140 -10.17 -32.36 10.93
C ALA D 140 -10.81 -33.48 11.75
N GLN D 141 -10.08 -34.58 11.93
CA GLN D 141 -10.59 -35.70 12.71
C GLN D 141 -10.66 -35.29 14.17
N THR D 142 -9.70 -34.47 14.59
CA THR D 142 -9.68 -33.97 15.96
C THR D 142 -10.94 -33.14 16.18
N THR D 143 -11.23 -32.26 15.23
CA THR D 143 -12.41 -31.41 15.31
C THR D 143 -13.67 -32.28 15.25
N LYS D 144 -13.62 -33.32 14.42
CA LYS D 144 -14.73 -34.23 14.26
C LYS D 144 -15.22 -34.78 15.61
N HIS D 145 -14.30 -35.36 16.38
CA HIS D 145 -14.68 -35.91 17.69
C HIS D 145 -15.21 -34.83 18.61
N LYS D 146 -14.53 -33.69 18.62
CA LYS D 146 -14.93 -32.58 19.45
C LYS D 146 -16.38 -32.19 19.16
N TRP D 147 -16.72 -32.12 17.87
CA TRP D 147 -18.06 -31.73 17.46
C TRP D 147 -19.13 -32.78 17.77
N GLU D 148 -18.73 -34.04 17.84
CA GLU D 148 -19.66 -35.12 18.15
C GLU D 148 -19.94 -35.11 19.65
N ALA D 149 -18.91 -34.82 20.44
CA ALA D 149 -19.06 -34.76 21.88
C ALA D 149 -19.95 -33.58 22.25
N ALA D 150 -19.83 -32.49 21.49
CA ALA D 150 -20.62 -31.30 21.75
C ALA D 150 -21.97 -31.39 21.04
N HIS D 151 -22.21 -32.52 20.37
CA HIS D 151 -23.45 -32.74 19.64
C HIS D 151 -23.74 -31.55 18.74
N VAL D 152 -22.73 -31.15 17.97
CA VAL D 152 -22.85 -30.04 17.04
C VAL D 152 -23.79 -30.39 15.88
N ALA D 153 -23.66 -31.60 15.34
CA ALA D 153 -24.52 -32.01 14.23
C ALA D 153 -25.99 -32.00 14.61
N GLU D 154 -26.30 -32.30 15.87
CA GLU D 154 -27.69 -32.32 16.31
C GLU D 154 -28.33 -30.94 16.21
N GLN D 155 -27.62 -29.93 16.68
CA GLN D 155 -28.14 -28.56 16.64
C GLN D 155 -28.26 -28.12 15.19
N LEU D 156 -27.28 -28.49 14.38
CA LEU D 156 -27.28 -28.15 12.96
C LEU D 156 -28.47 -28.79 12.26
N ARG D 157 -28.71 -30.06 12.52
CA ARG D 157 -29.84 -30.71 11.86
C ARG D 157 -31.16 -30.02 12.22
N ALA D 158 -31.32 -29.68 13.48
CA ALA D 158 -32.54 -29.01 13.93
C ALA D 158 -32.69 -27.68 13.18
N TYR D 159 -31.59 -26.93 13.08
CA TYR D 159 -31.61 -25.64 12.41
C TYR D 159 -31.88 -25.77 10.90
N LEU D 160 -31.17 -26.67 10.25
CA LEU D 160 -31.28 -26.85 8.80
C LEU D 160 -32.62 -27.38 8.31
N GLU D 161 -33.23 -28.29 9.07
CA GLU D 161 -34.51 -28.86 8.69
C GLU D 161 -35.68 -28.00 9.17
N GLY D 162 -35.44 -27.20 10.22
CA GLY D 162 -36.50 -26.38 10.75
C GLY D 162 -36.36 -24.89 10.49
N THR D 163 -35.61 -24.23 11.35
CA THR D 163 -35.38 -22.78 11.25
C THR D 163 -35.03 -22.29 9.87
N CYS D 164 -33.99 -22.87 9.28
CA CYS D 164 -33.54 -22.48 7.95
C CYS D 164 -34.65 -22.53 6.91
N VAL D 165 -35.42 -23.61 6.89
CA VAL D 165 -36.48 -23.73 5.91
C VAL D 165 -37.64 -22.76 6.14
N GLU D 166 -38.04 -22.58 7.39
CA GLU D 166 -39.15 -21.67 7.67
C GLU D 166 -38.80 -20.19 7.50
N TRP D 167 -37.57 -19.80 7.83
CA TRP D 167 -37.21 -18.41 7.65
C TRP D 167 -36.95 -18.12 6.17
N LEU D 168 -36.49 -19.11 5.41
CA LEU D 168 -36.28 -18.92 3.98
C LEU D 168 -37.65 -18.66 3.39
N ARG D 169 -38.65 -19.42 3.85
CA ARG D 169 -40.00 -19.22 3.34
C ARG D 169 -40.51 -17.83 3.73
N ARG D 170 -40.22 -17.41 4.95
CA ARG D 170 -40.64 -16.10 5.43
C ARG D 170 -40.06 -15.03 4.51
N TYR D 171 -38.77 -15.13 4.21
CA TYR D 171 -38.12 -14.14 3.35
C TYR D 171 -38.71 -14.17 1.93
N LEU D 172 -38.86 -15.37 1.37
CA LEU D 172 -39.41 -15.51 0.01
C LEU D 172 -40.79 -14.91 -0.11
N GLU D 173 -41.56 -14.95 0.96
CA GLU D 173 -42.89 -14.38 0.92
C GLU D 173 -42.82 -12.86 1.18
N ASN D 174 -41.95 -12.43 2.07
CA ASN D 174 -41.84 -11.00 2.37
C ASN D 174 -41.21 -10.20 1.22
N GLY D 175 -40.35 -10.84 0.44
CA GLY D 175 -39.72 -10.17 -0.69
C GLY D 175 -40.18 -10.76 -2.00
N LYS D 176 -41.36 -11.38 -1.97
CA LYS D 176 -41.94 -12.05 -3.13
C LYS D 176 -41.84 -11.33 -4.47
N GLU D 177 -42.29 -10.09 -4.51
CA GLU D 177 -42.27 -9.32 -5.75
C GLU D 177 -40.92 -9.35 -6.48
N THR D 178 -39.82 -9.41 -5.73
CA THR D 178 -38.53 -9.46 -6.41
C THR D 178 -37.86 -10.83 -6.32
N LEU D 179 -38.00 -11.51 -5.20
CA LEU D 179 -37.37 -12.83 -5.02
C LEU D 179 -37.99 -13.95 -5.85
N GLN D 180 -39.32 -14.00 -5.89
CA GLN D 180 -39.97 -15.06 -6.65
C GLN D 180 -40.24 -14.60 -8.07
N ARG D 181 -39.25 -13.98 -8.67
CA ARG D 181 -39.35 -13.47 -10.02
C ARG D 181 -38.41 -14.17 -10.99
N THR D 182 -38.76 -14.11 -12.28
CA THR D 182 -37.93 -14.67 -13.33
C THR D 182 -37.85 -13.62 -14.43
N ASP D 183 -36.65 -13.09 -14.65
CA ASP D 183 -36.46 -12.10 -15.69
C ASP D 183 -35.83 -12.83 -16.87
N ALA D 184 -36.59 -12.98 -17.95
CA ALA D 184 -36.09 -13.65 -19.14
C ALA D 184 -34.95 -12.83 -19.68
N PRO D 185 -33.94 -13.49 -20.27
CA PRO D 185 -32.81 -12.74 -20.81
C PRO D 185 -33.17 -11.90 -22.04
N LYS D 186 -32.60 -10.70 -22.11
CA LYS D 186 -32.81 -9.84 -23.27
C LYS D 186 -31.65 -10.23 -24.18
N THR D 187 -31.98 -10.77 -25.35
CA THR D 187 -30.96 -11.24 -26.29
C THR D 187 -30.77 -10.39 -27.55
N HIS D 188 -29.55 -10.47 -28.09
CA HIS D 188 -29.20 -9.76 -29.31
C HIS D 188 -27.87 -10.31 -29.80
N MET D 189 -27.58 -10.13 -31.08
CA MET D 189 -26.35 -10.64 -31.66
C MET D 189 -25.49 -9.55 -32.27
N THR D 190 -24.18 -9.74 -32.24
CA THR D 190 -23.25 -8.78 -32.81
C THR D 190 -22.31 -9.50 -33.79
N HIS D 191 -21.81 -8.77 -34.77
CA HIS D 191 -20.90 -9.33 -35.76
C HIS D 191 -19.65 -8.48 -35.86
N HIS D 192 -18.50 -9.12 -35.91
CA HIS D 192 -17.23 -8.41 -36.02
C HIS D 192 -16.25 -9.21 -36.87
N ALA D 193 -15.99 -8.71 -38.07
CA ALA D 193 -15.07 -9.36 -38.98
C ALA D 193 -13.64 -9.29 -38.44
N VAL D 194 -12.96 -10.43 -38.44
CA VAL D 194 -11.58 -10.49 -37.97
C VAL D 194 -10.66 -9.91 -39.04
N SER D 195 -11.13 -8.82 -39.65
CA SER D 195 -10.40 -8.12 -40.71
C SER D 195 -9.91 -9.02 -41.84
N ASP D 196 -10.60 -10.15 -42.05
CA ASP D 196 -10.22 -11.09 -43.10
C ASP D 196 -11.36 -12.02 -43.51
N HIS D 197 -11.00 -13.25 -43.89
CA HIS D 197 -11.97 -14.25 -44.31
C HIS D 197 -12.93 -14.70 -43.22
N GLU D 198 -12.64 -14.34 -41.97
CA GLU D 198 -13.48 -14.74 -40.85
C GLU D 198 -14.20 -13.60 -40.13
N ALA D 199 -15.23 -13.95 -39.38
CA ALA D 199 -16.01 -12.98 -38.62
C ALA D 199 -16.48 -13.58 -37.30
N THR D 200 -16.66 -12.73 -36.30
CA THR D 200 -17.10 -13.18 -34.99
C THR D 200 -18.59 -12.91 -34.76
N LEU D 201 -19.31 -13.94 -34.31
CA LEU D 201 -20.71 -13.80 -34.01
C LEU D 201 -20.87 -13.96 -32.50
N ARG D 202 -21.28 -12.88 -31.83
CA ARG D 202 -21.45 -12.94 -30.38
C ARG D 202 -22.91 -12.92 -30.02
N CYS D 203 -23.33 -13.90 -29.23
CA CYS D 203 -24.70 -14.02 -28.77
C CYS D 203 -24.78 -13.49 -27.34
N TRP D 204 -25.58 -12.45 -27.14
CA TRP D 204 -25.72 -11.85 -25.80
C TRP D 204 -27.00 -12.19 -25.06
N ALA D 205 -26.87 -12.34 -23.74
CA ALA D 205 -27.99 -12.62 -22.85
C ALA D 205 -27.81 -11.58 -21.74
N LEU D 206 -28.76 -10.66 -21.61
CA LEU D 206 -28.66 -9.61 -20.60
C LEU D 206 -29.89 -9.46 -19.72
N SER D 207 -29.71 -8.80 -18.58
CA SER D 207 -30.77 -8.53 -17.63
C SER D 207 -31.60 -9.73 -17.20
N PHE D 208 -30.97 -10.89 -17.03
CA PHE D 208 -31.72 -12.06 -16.63
C PHE D 208 -31.53 -12.45 -15.14
N TYR D 209 -32.54 -13.13 -14.60
CA TYR D 209 -32.54 -13.60 -13.22
C TYR D 209 -33.53 -14.76 -13.14
N PRO D 210 -33.15 -15.86 -12.46
CA PRO D 210 -31.89 -16.08 -11.76
C PRO D 210 -30.69 -16.23 -12.70
N ALA D 211 -29.51 -16.42 -12.11
CA ALA D 211 -28.26 -16.54 -12.85
C ALA D 211 -28.14 -17.74 -13.78
N GLU D 212 -28.73 -18.86 -13.38
CA GLU D 212 -28.68 -20.08 -14.19
C GLU D 212 -29.15 -19.80 -15.62
N ILE D 213 -28.35 -20.22 -16.60
CA ILE D 213 -28.69 -20.02 -18.00
C ILE D 213 -27.80 -20.88 -18.90
N THR D 214 -28.25 -21.11 -20.12
CA THR D 214 -27.48 -21.91 -21.07
C THR D 214 -27.50 -21.27 -22.46
N LEU D 215 -26.31 -21.01 -22.98
CA LEU D 215 -26.14 -20.44 -24.31
C LEU D 215 -25.38 -21.47 -25.15
N THR D 216 -25.96 -21.83 -26.30
CA THR D 216 -25.37 -22.81 -27.20
C THR D 216 -25.35 -22.35 -28.64
N TRP D 217 -24.31 -22.79 -29.37
CA TRP D 217 -24.15 -22.45 -30.79
C TRP D 217 -24.29 -23.72 -31.64
N GLN D 218 -24.85 -23.56 -32.84
CA GLN D 218 -25.04 -24.67 -33.76
C GLN D 218 -24.86 -24.22 -35.22
N ARG D 219 -24.29 -25.08 -36.06
CA ARG D 219 -24.16 -24.76 -37.47
C ARG D 219 -24.92 -25.83 -38.24
N ASP D 220 -26.08 -25.45 -38.80
CA ASP D 220 -26.94 -26.38 -39.52
C ASP D 220 -27.36 -27.38 -38.46
N GLY D 221 -27.68 -26.86 -37.28
CA GLY D 221 -28.04 -27.73 -36.18
C GLY D 221 -26.68 -28.29 -35.80
N GLU D 222 -26.64 -29.29 -34.93
CA GLU D 222 -25.36 -29.87 -34.54
C GLU D 222 -24.57 -28.83 -33.74
N ASP D 223 -24.30 -29.19 -32.48
CA ASP D 223 -23.60 -28.32 -31.53
C ASP D 223 -22.15 -28.00 -31.86
N GLN D 224 -21.72 -26.82 -31.42
CA GLN D 224 -20.36 -26.38 -31.62
C GLN D 224 -19.61 -26.58 -30.32
N THR D 225 -19.51 -27.85 -29.96
CA THR D 225 -18.84 -28.29 -28.73
C THR D 225 -17.51 -27.61 -28.44
N GLN D 226 -17.00 -26.90 -29.43
CA GLN D 226 -15.76 -26.15 -29.33
C GLN D 226 -15.79 -25.19 -30.50
N ASP D 227 -14.97 -24.14 -30.46
CA ASP D 227 -14.93 -23.13 -31.51
C ASP D 227 -15.77 -21.98 -30.96
N THR D 228 -16.46 -22.29 -29.87
CA THR D 228 -17.33 -21.34 -29.20
C THR D 228 -16.69 -20.89 -27.88
N GLU D 229 -16.71 -19.60 -27.63
CA GLU D 229 -16.16 -19.08 -26.39
C GLU D 229 -17.25 -18.59 -25.47
N LEU D 230 -17.26 -19.11 -24.25
CA LEU D 230 -18.24 -18.75 -23.25
C LEU D 230 -17.59 -18.03 -22.07
N VAL D 231 -18.15 -16.89 -21.69
CA VAL D 231 -17.62 -16.15 -20.55
C VAL D 231 -18.46 -16.55 -19.35
N GLU D 232 -17.87 -16.51 -18.17
CA GLU D 232 -18.59 -16.86 -16.96
C GLU D 232 -19.75 -15.90 -16.77
N THR D 233 -20.89 -16.42 -16.29
CA THR D 233 -22.06 -15.59 -16.05
C THR D 233 -21.58 -14.51 -15.06
N ARG D 234 -21.90 -13.26 -15.36
CA ARG D 234 -21.44 -12.15 -14.52
C ARG D 234 -22.57 -11.24 -14.07
N PRO D 235 -22.42 -10.62 -12.88
CA PRO D 235 -23.45 -9.72 -12.35
C PRO D 235 -23.36 -8.34 -13.01
N ALA D 236 -24.51 -7.81 -13.41
CA ALA D 236 -24.57 -6.50 -14.06
C ALA D 236 -24.47 -5.38 -13.02
N GLY D 237 -24.79 -5.70 -11.77
CA GLY D 237 -24.73 -4.72 -10.70
C GLY D 237 -26.09 -4.22 -10.24
N ASP D 238 -27.12 -4.55 -10.99
CA ASP D 238 -28.48 -4.12 -10.68
C ASP D 238 -29.37 -5.28 -10.24
N GLY D 239 -28.77 -6.42 -9.91
CA GLY D 239 -29.57 -7.57 -9.50
C GLY D 239 -29.79 -8.55 -10.63
N THR D 240 -29.32 -8.22 -11.83
CA THR D 240 -29.48 -9.11 -12.97
C THR D 240 -28.11 -9.64 -13.37
N PHE D 241 -28.08 -10.60 -14.30
CA PHE D 241 -26.81 -11.17 -14.75
C PHE D 241 -26.68 -11.09 -16.27
N GLN D 242 -25.46 -11.29 -16.75
CA GLN D 242 -25.17 -11.25 -18.18
C GLN D 242 -24.31 -12.44 -18.57
N LYS D 243 -24.28 -12.73 -19.86
CA LYS D 243 -23.47 -13.82 -20.37
C LYS D 243 -23.52 -13.77 -21.89
N TRP D 244 -22.45 -14.22 -22.53
CA TRP D 244 -22.43 -14.26 -23.99
C TRP D 244 -21.61 -15.43 -24.50
N ALA D 245 -21.93 -15.83 -25.73
CA ALA D 245 -21.25 -16.94 -26.39
C ALA D 245 -20.87 -16.45 -27.78
N ALA D 246 -19.64 -16.73 -28.21
CA ALA D 246 -19.19 -16.30 -29.52
C ALA D 246 -18.52 -17.41 -30.31
N VAL D 247 -18.52 -17.24 -31.63
CA VAL D 247 -17.90 -18.18 -32.55
C VAL D 247 -17.32 -17.41 -33.73
N VAL D 248 -16.23 -17.93 -34.29
CA VAL D 248 -15.61 -17.31 -35.46
C VAL D 248 -16.05 -18.14 -36.65
N VAL D 249 -16.61 -17.48 -37.66
CA VAL D 249 -17.12 -18.20 -38.82
C VAL D 249 -16.70 -17.58 -40.14
N PRO D 250 -16.65 -18.38 -41.22
CA PRO D 250 -16.27 -17.89 -42.54
C PRO D 250 -17.19 -16.73 -42.93
N SER D 251 -16.60 -15.61 -43.34
CA SER D 251 -17.37 -14.43 -43.73
C SER D 251 -18.28 -14.70 -44.92
N GLY D 252 -19.25 -15.60 -44.72
CA GLY D 252 -20.18 -15.93 -45.77
C GLY D 252 -21.19 -16.96 -45.31
N GLN D 253 -20.87 -17.64 -44.21
CA GLN D 253 -21.76 -18.66 -43.65
C GLN D 253 -22.34 -18.26 -42.29
N GLU D 254 -22.35 -16.96 -42.00
CA GLU D 254 -22.87 -16.49 -40.72
C GLU D 254 -24.30 -16.98 -40.48
N GLN D 255 -25.06 -17.12 -41.55
CA GLN D 255 -26.44 -17.57 -41.45
C GLN D 255 -26.62 -19.08 -41.37
N ARG D 256 -25.52 -19.80 -41.16
CA ARG D 256 -25.58 -21.25 -41.05
C ARG D 256 -25.43 -21.57 -39.56
N TYR D 257 -25.31 -20.52 -38.75
CA TYR D 257 -25.14 -20.66 -37.32
C TYR D 257 -26.34 -20.13 -36.55
N THR D 258 -26.69 -20.82 -35.47
CA THR D 258 -27.81 -20.42 -34.63
C THR D 258 -27.44 -20.50 -33.15
N CYS D 259 -27.85 -19.48 -32.40
CA CYS D 259 -27.58 -19.44 -30.97
C CYS D 259 -28.85 -19.84 -30.23
N HIS D 260 -28.69 -20.67 -29.21
CA HIS D 260 -29.82 -21.16 -28.45
C HIS D 260 -29.74 -20.77 -26.99
N VAL D 261 -30.78 -20.08 -26.52
CA VAL D 261 -30.84 -19.60 -25.15
C VAL D 261 -31.88 -20.33 -24.31
N GLN D 262 -31.42 -20.91 -23.21
CA GLN D 262 -32.29 -21.63 -22.29
C GLN D 262 -32.32 -20.94 -20.94
N HIS D 263 -33.50 -20.49 -20.52
CA HIS D 263 -33.64 -19.81 -19.23
C HIS D 263 -35.03 -20.01 -18.64
N GLU D 264 -35.08 -20.19 -17.33
CA GLU D 264 -36.33 -20.39 -16.60
C GLU D 264 -37.37 -19.30 -16.91
N GLY D 265 -36.89 -18.11 -17.24
CA GLY D 265 -37.81 -17.02 -17.56
C GLY D 265 -38.41 -17.18 -18.94
N LEU D 266 -37.82 -18.05 -19.75
CA LEU D 266 -38.28 -18.28 -21.11
C LEU D 266 -39.28 -19.44 -21.19
N PRO D 267 -40.46 -19.19 -21.77
CA PRO D 267 -41.47 -20.25 -21.89
C PRO D 267 -40.92 -21.39 -22.74
N LYS D 268 -40.10 -21.02 -23.73
CA LYS D 268 -39.48 -21.97 -24.62
C LYS D 268 -38.16 -21.38 -25.10
N PRO D 269 -37.14 -22.24 -25.29
CA PRO D 269 -35.82 -21.81 -25.75
C PRO D 269 -35.85 -20.87 -26.96
N LEU D 270 -34.95 -19.89 -26.96
CA LEU D 270 -34.86 -18.94 -28.06
C LEU D 270 -33.76 -19.33 -29.04
N THR D 271 -33.93 -18.94 -30.30
CA THR D 271 -32.94 -19.24 -31.33
C THR D 271 -32.63 -17.94 -32.07
N LEU D 272 -31.35 -17.62 -32.20
CA LEU D 272 -30.93 -16.42 -32.88
C LEU D 272 -30.08 -16.74 -34.10
N ARG D 273 -30.31 -15.99 -35.19
CA ARG D 273 -29.56 -16.18 -36.43
C ARG D 273 -29.19 -14.79 -36.93
N TRP D 274 -27.97 -14.64 -37.45
CA TRP D 274 -27.54 -13.34 -37.95
C TRP D 274 -28.45 -12.85 -39.08
N GLU D 275 -28.85 -11.59 -39.00
CA GLU D 275 -29.73 -10.96 -39.99
C GLU D 275 -31.16 -11.50 -39.92
N MET E 1 -0.33 -24.09 1.38
CA MET E 1 -1.75 -23.72 1.08
C MET E 1 -1.95 -23.58 -0.42
N ILE E 2 -3.19 -23.38 -0.83
CA ILE E 2 -3.51 -23.25 -2.24
C ILE E 2 -3.74 -21.79 -2.63
N GLN E 3 -3.35 -21.46 -3.86
CA GLN E 3 -3.54 -20.13 -4.38
C GLN E 3 -4.14 -20.27 -5.77
N ARG E 4 -5.13 -19.46 -6.07
CA ARG E 4 -5.79 -19.51 -7.37
C ARG E 4 -5.77 -18.10 -7.96
N THR E 5 -5.36 -17.99 -9.22
CA THR E 5 -5.29 -16.70 -9.89
C THR E 5 -6.68 -16.23 -10.29
N PRO E 6 -6.97 -14.94 -10.09
CA PRO E 6 -8.30 -14.44 -10.45
C PRO E 6 -8.60 -14.36 -11.93
N LYS E 7 -9.85 -14.66 -12.29
CA LYS E 7 -10.30 -14.53 -13.66
C LYS E 7 -10.79 -13.08 -13.62
N ILE E 8 -10.70 -12.39 -14.75
CA ILE E 8 -11.11 -11.00 -14.80
C ILE E 8 -12.01 -10.68 -15.99
N GLN E 9 -13.06 -9.90 -15.74
CA GLN E 9 -13.97 -9.47 -16.80
C GLN E 9 -14.30 -8.00 -16.54
N VAL E 10 -14.13 -7.19 -17.58
CA VAL E 10 -14.42 -5.76 -17.51
C VAL E 10 -15.52 -5.52 -18.51
N TYR E 11 -16.60 -4.88 -18.07
CA TYR E 11 -17.74 -4.65 -18.95
C TYR E 11 -18.67 -3.60 -18.38
N SER E 12 -19.66 -3.18 -19.16
CA SER E 12 -20.62 -2.18 -18.72
C SER E 12 -21.96 -2.84 -18.38
N ARG E 13 -22.70 -2.21 -17.49
CA ARG E 13 -24.01 -2.73 -17.08
C ARG E 13 -24.98 -2.76 -18.25
N HIS E 14 -24.93 -1.70 -19.06
CA HIS E 14 -25.80 -1.58 -20.24
C HIS E 14 -24.94 -1.46 -21.49
N PRO E 15 -25.49 -1.86 -22.65
CA PRO E 15 -24.73 -1.76 -23.90
C PRO E 15 -24.35 -0.29 -24.06
N ALA E 16 -23.05 -0.01 -24.03
CA ALA E 16 -22.54 1.35 -24.11
C ALA E 16 -23.03 2.20 -25.28
N GLU E 17 -23.20 3.49 -24.99
CA GLU E 17 -23.62 4.50 -25.95
C GLU E 17 -22.92 5.77 -25.51
N ASN E 18 -22.03 6.31 -26.34
CA ASN E 18 -21.31 7.51 -25.97
C ASN E 18 -22.28 8.61 -25.53
N GLY E 19 -22.01 9.20 -24.37
CA GLY E 19 -22.86 10.25 -23.86
C GLY E 19 -23.94 9.78 -22.91
N LYS E 20 -24.13 8.47 -22.81
CA LYS E 20 -25.14 7.92 -21.90
C LYS E 20 -24.53 7.40 -20.62
N SER E 21 -25.11 7.78 -19.49
CA SER E 21 -24.63 7.34 -18.19
C SER E 21 -24.70 5.82 -18.14
N ASN E 22 -23.70 5.19 -17.53
CA ASN E 22 -23.64 3.74 -17.46
C ASN E 22 -22.85 3.34 -16.21
N PHE E 23 -22.55 2.05 -16.08
CA PHE E 23 -21.75 1.57 -14.95
C PHE E 23 -20.64 0.70 -15.51
N LEU E 24 -19.42 0.99 -15.10
CA LEU E 24 -18.26 0.22 -15.53
C LEU E 24 -18.00 -0.82 -14.44
N ASN E 25 -18.05 -2.10 -14.81
CA ASN E 25 -17.85 -3.18 -13.86
C ASN E 25 -16.57 -3.97 -14.09
N CYS E 26 -15.99 -4.46 -13.01
CA CYS E 26 -14.81 -5.32 -13.09
C CYS E 26 -15.11 -6.49 -12.17
N TYR E 27 -15.39 -7.64 -12.75
CA TYR E 27 -15.73 -8.82 -11.99
C TYR E 27 -14.50 -9.72 -11.85
N VAL E 28 -14.07 -9.94 -10.60
CA VAL E 28 -12.93 -10.81 -10.34
C VAL E 28 -13.45 -12.02 -9.58
N SER E 29 -13.10 -13.22 -10.06
CA SER E 29 -13.57 -14.43 -9.41
C SER E 29 -12.56 -15.56 -9.49
N GLY E 30 -12.90 -16.68 -8.84
CA GLY E 30 -12.04 -17.84 -8.83
C GLY E 30 -10.68 -17.69 -8.20
N PHE E 31 -10.50 -16.69 -7.34
CA PHE E 31 -9.19 -16.49 -6.73
C PHE E 31 -9.13 -16.87 -5.25
N HIS E 32 -7.90 -16.98 -4.74
CA HIS E 32 -7.65 -17.33 -3.35
C HIS E 32 -6.15 -17.12 -3.12
N PRO E 33 -5.75 -16.48 -2.01
CA PRO E 33 -6.56 -15.92 -0.93
C PRO E 33 -7.43 -14.74 -1.39
N SER E 34 -8.22 -14.22 -0.47
CA SER E 34 -9.14 -13.11 -0.77
C SER E 34 -8.53 -11.73 -0.94
N ASP E 35 -7.36 -11.46 -0.35
CA ASP E 35 -6.75 -10.15 -0.53
C ASP E 35 -6.44 -9.93 -1.99
N ILE E 36 -6.93 -8.82 -2.54
CA ILE E 36 -6.72 -8.55 -3.95
C ILE E 36 -6.78 -7.05 -4.24
N GLU E 37 -6.01 -6.62 -5.22
CA GLU E 37 -5.95 -5.22 -5.62
C GLU E 37 -6.73 -5.01 -6.91
N VAL E 38 -7.79 -4.21 -6.85
CA VAL E 38 -8.60 -3.94 -8.03
C VAL E 38 -8.87 -2.45 -8.20
N ASP E 39 -8.47 -1.93 -9.35
CA ASP E 39 -8.67 -0.51 -9.67
C ASP E 39 -9.29 -0.36 -11.05
N LEU E 40 -10.16 0.63 -11.19
CA LEU E 40 -10.77 0.91 -12.48
C LEU E 40 -9.99 2.12 -12.99
N LEU E 41 -9.53 2.04 -14.23
CA LEU E 41 -8.74 3.12 -14.81
C LEU E 41 -9.43 3.85 -15.95
N LYS E 42 -9.17 5.15 -16.03
CA LYS E 42 -9.71 5.99 -17.09
C LYS E 42 -8.48 6.63 -17.74
N ASN E 43 -8.19 6.22 -18.97
CA ASN E 43 -7.03 6.73 -19.70
C ASN E 43 -5.76 6.48 -18.88
N GLY E 44 -5.72 5.34 -18.19
CA GLY E 44 -4.56 4.98 -17.39
C GLY E 44 -4.55 5.57 -15.99
N GLU E 45 -5.55 6.37 -15.66
CA GLU E 45 -5.62 6.99 -14.34
C GLU E 45 -6.60 6.28 -13.41
N ARG E 46 -6.17 6.01 -12.19
CA ARG E 46 -7.01 5.33 -11.21
C ARG E 46 -8.24 6.13 -10.84
N ILE E 47 -9.41 5.56 -11.10
CA ILE E 47 -10.67 6.21 -10.76
C ILE E 47 -10.80 6.15 -9.24
N GLU E 48 -11.12 7.29 -8.63
CA GLU E 48 -11.19 7.40 -7.18
C GLU E 48 -12.34 6.76 -6.39
N LYS E 49 -13.59 7.10 -6.71
CA LYS E 49 -14.71 6.54 -5.96
C LYS E 49 -15.32 5.25 -6.52
N VAL E 50 -14.54 4.18 -6.50
CA VAL E 50 -15.01 2.89 -6.98
C VAL E 50 -15.55 2.08 -5.80
N GLU E 51 -16.73 1.49 -5.98
CA GLU E 51 -17.36 0.68 -4.94
C GLU E 51 -17.18 -0.79 -5.30
N HIS E 52 -17.46 -1.67 -4.34
CA HIS E 52 -17.36 -3.09 -4.60
C HIS E 52 -18.33 -3.86 -3.70
N SER E 53 -18.74 -5.03 -4.18
CA SER E 53 -19.66 -5.89 -3.45
C SER E 53 -18.96 -6.47 -2.21
N ASP E 54 -19.74 -7.09 -1.33
CA ASP E 54 -19.20 -7.70 -0.13
C ASP E 54 -18.58 -9.04 -0.50
N LEU E 55 -17.37 -9.27 -0.01
CA LEU E 55 -16.64 -10.50 -0.27
C LEU E 55 -17.50 -11.74 -0.05
N SER E 56 -17.57 -12.59 -1.07
CA SER E 56 -18.33 -13.83 -0.99
C SER E 56 -17.52 -14.89 -1.73
N PHE E 57 -18.01 -16.14 -1.72
CA PHE E 57 -17.27 -17.19 -2.41
C PHE E 57 -18.16 -18.32 -2.94
N SER E 58 -17.60 -19.08 -3.89
CA SER E 58 -18.29 -20.19 -4.53
C SER E 58 -18.15 -21.52 -3.79
N LYS E 59 -18.80 -22.54 -4.33
CA LYS E 59 -18.77 -23.88 -3.74
C LYS E 59 -17.34 -24.36 -3.52
N ASP E 60 -16.45 -24.08 -4.47
CA ASP E 60 -15.07 -24.52 -4.38
C ASP E 60 -14.22 -23.61 -3.48
N TRP E 61 -14.88 -22.73 -2.75
CA TRP E 61 -14.25 -21.80 -1.81
C TRP E 61 -13.54 -20.60 -2.45
N SER E 62 -13.48 -20.55 -3.78
CA SER E 62 -12.83 -19.43 -4.46
C SER E 62 -13.71 -18.19 -4.33
N PHE E 63 -13.06 -17.05 -4.12
CA PHE E 63 -13.75 -15.76 -3.93
C PHE E 63 -14.15 -15.03 -5.20
N TYR E 64 -15.11 -14.12 -5.05
CA TYR E 64 -15.52 -13.29 -6.16
C TYR E 64 -15.93 -11.92 -5.62
N LEU E 65 -15.68 -10.88 -6.41
CA LEU E 65 -16.00 -9.51 -6.04
C LEU E 65 -16.34 -8.70 -7.28
N LEU E 66 -17.29 -7.78 -7.15
CA LEU E 66 -17.64 -6.91 -8.26
C LEU E 66 -17.26 -5.47 -7.89
N TYR E 67 -16.42 -4.87 -8.73
CA TYR E 67 -15.98 -3.49 -8.53
C TYR E 67 -16.72 -2.67 -9.57
N TYR E 68 -17.24 -1.52 -9.18
CA TYR E 68 -18.00 -0.71 -10.12
C TYR E 68 -18.02 0.77 -9.81
N THR E 69 -18.33 1.55 -10.84
CA THR E 69 -18.43 2.99 -10.72
C THR E 69 -19.28 3.50 -11.88
N GLU E 70 -20.01 4.59 -11.65
CA GLU E 70 -20.83 5.16 -12.71
C GLU E 70 -19.88 5.88 -13.65
N PHE E 71 -20.19 5.89 -14.94
CA PHE E 71 -19.35 6.57 -15.91
C PHE E 71 -20.09 6.82 -17.21
N THR E 72 -19.54 7.69 -18.04
CA THR E 72 -20.13 8.01 -19.33
C THR E 72 -19.10 7.75 -20.42
N PRO E 73 -19.28 6.65 -21.18
CA PRO E 73 -18.33 6.35 -22.25
C PRO E 73 -18.31 7.42 -23.35
N THR E 74 -17.15 7.57 -23.97
CA THR E 74 -16.97 8.54 -25.05
C THR E 74 -15.99 7.96 -26.06
N GLU E 75 -15.95 8.55 -27.24
CA GLU E 75 -15.06 8.08 -28.29
C GLU E 75 -13.60 8.11 -27.89
N LYS E 76 -13.19 9.16 -27.19
CA LYS E 76 -11.79 9.31 -26.79
C LYS E 76 -11.35 8.58 -25.53
N ASP E 77 -12.17 8.61 -24.49
CA ASP E 77 -11.81 7.97 -23.22
C ASP E 77 -11.65 6.45 -23.28
N GLU E 78 -10.57 5.96 -22.68
CA GLU E 78 -10.28 4.53 -22.60
C GLU E 78 -10.36 4.08 -21.14
N TYR E 79 -11.07 2.98 -20.92
CA TYR E 79 -11.23 2.45 -19.58
C TYR E 79 -10.66 1.04 -19.46
N ALA E 80 -10.21 0.70 -18.27
CA ALA E 80 -9.63 -0.62 -18.03
C ALA E 80 -9.69 -0.98 -16.56
N CYS E 81 -9.42 -2.26 -16.27
CA CYS E 81 -9.43 -2.71 -14.89
C CYS E 81 -8.01 -3.20 -14.59
N ARG E 82 -7.46 -2.76 -13.46
CA ARG E 82 -6.12 -3.18 -13.07
C ARG E 82 -6.18 -4.08 -11.85
N VAL E 83 -5.65 -5.29 -11.99
CA VAL E 83 -5.70 -6.26 -10.91
C VAL E 83 -4.36 -6.82 -10.48
N ASN E 84 -4.14 -6.88 -9.17
CA ASN E 84 -2.91 -7.44 -8.64
C ASN E 84 -3.34 -8.43 -7.55
N HIS E 85 -2.60 -9.53 -7.44
CA HIS E 85 -2.89 -10.59 -6.48
C HIS E 85 -1.60 -11.38 -6.26
N VAL E 86 -1.48 -12.05 -5.11
CA VAL E 86 -0.27 -12.81 -4.81
C VAL E 86 0.15 -13.73 -5.96
N THR E 87 -0.82 -14.27 -6.68
CA THR E 87 -0.53 -15.18 -7.79
C THR E 87 0.01 -14.47 -9.03
N LEU E 88 -0.14 -13.15 -9.09
CA LEU E 88 0.34 -12.37 -10.23
C LEU E 88 1.71 -11.76 -9.97
N SER E 89 2.62 -11.96 -10.91
CA SER E 89 3.98 -11.41 -10.78
C SER E 89 3.96 -9.89 -10.86
N GLN E 90 2.97 -9.36 -11.58
CA GLN E 90 2.82 -7.92 -11.74
C GLN E 90 1.36 -7.59 -12.04
N PRO E 91 0.93 -6.35 -11.75
CA PRO E 91 -0.45 -5.92 -12.01
C PRO E 91 -0.91 -6.25 -13.42
N LYS E 92 -2.08 -6.88 -13.53
CA LYS E 92 -2.62 -7.23 -14.83
C LYS E 92 -3.66 -6.20 -15.23
N ILE E 93 -3.56 -5.70 -16.46
CA ILE E 93 -4.51 -4.71 -16.93
C ILE E 93 -5.38 -5.30 -18.03
N VAL E 94 -6.70 -5.12 -17.89
CA VAL E 94 -7.65 -5.62 -18.88
C VAL E 94 -8.46 -4.44 -19.39
N LYS E 95 -8.28 -4.09 -20.65
CA LYS E 95 -9.01 -2.97 -21.24
C LYS E 95 -10.48 -3.29 -21.45
N TRP E 96 -11.32 -2.27 -21.29
CA TRP E 96 -12.75 -2.45 -21.50
C TRP E 96 -13.05 -2.43 -22.98
N ASP E 97 -13.62 -3.53 -23.46
CA ASP E 97 -13.98 -3.66 -24.87
C ASP E 97 -15.50 -3.50 -24.92
N ARG E 98 -15.96 -2.47 -25.61
CA ARG E 98 -17.38 -2.19 -25.73
C ARG E 98 -18.25 -3.38 -26.11
N ASP E 99 -17.69 -4.35 -26.84
CA ASP E 99 -18.48 -5.52 -27.23
C ASP E 99 -18.06 -6.82 -26.56
N MET E 100 -17.75 -6.75 -25.27
CA MET E 100 -17.36 -7.93 -24.52
C MET E 100 -17.77 -7.84 -23.05
N LEU F 1 -32.29 -16.39 8.65
CA LEU F 1 -31.91 -16.29 10.08
C LEU F 1 -30.69 -17.16 10.35
N LEU F 2 -29.72 -16.58 11.06
CA LEU F 2 -28.46 -17.22 11.40
C LEU F 2 -28.60 -18.42 12.35
N PHE F 3 -27.66 -19.36 12.23
CA PHE F 3 -27.62 -20.53 13.12
C PHE F 3 -27.11 -19.91 14.43
N GLY F 4 -27.63 -20.34 15.57
CA GLY F 4 -27.19 -19.73 16.80
C GLY F 4 -26.27 -20.49 17.73
N TYR F 5 -25.45 -21.40 17.19
CA TYR F 5 -24.55 -22.18 18.04
C TYR F 5 -23.22 -22.58 17.42
N PRO F 6 -22.41 -21.61 16.96
CA PRO F 6 -21.13 -22.00 16.36
C PRO F 6 -20.21 -22.60 17.45
N VAL F 7 -19.42 -23.62 17.08
CA VAL F 7 -18.51 -24.26 18.03
C VAL F 7 -17.09 -24.32 17.46
N TYR F 8 -16.12 -24.00 18.30
CA TYR F 8 -14.70 -23.99 17.90
C TYR F 8 -14.24 -25.30 17.26
N VAL F 9 -13.34 -25.21 16.27
CA VAL F 9 -12.81 -26.40 15.64
C VAL F 9 -11.76 -26.99 16.58
N LYS G 2 32.54 8.62 54.00
CA LYS G 2 32.52 9.95 53.33
C LYS G 2 33.69 10.12 52.38
N LYS G 3 34.76 9.34 52.60
CA LYS G 3 35.93 9.40 51.73
C LYS G 3 35.65 8.57 50.47
N VAL G 4 36.52 8.69 49.47
CA VAL G 4 36.33 7.95 48.22
C VAL G 4 37.61 7.35 47.65
N GLU G 5 37.55 6.05 47.33
CA GLU G 5 38.68 5.34 46.76
C GLU G 5 38.36 5.25 45.25
N PHE G 6 38.58 6.36 44.56
CA PHE G 6 38.30 6.49 43.12
C PHE G 6 38.82 5.38 42.22
N LYS G 7 37.97 4.96 41.28
CA LYS G 7 38.34 3.95 40.31
C LYS G 7 38.71 4.69 39.03
N GLU G 8 39.71 4.19 38.32
CA GLU G 8 40.16 4.82 37.09
C GLU G 8 39.07 4.71 36.02
N PRO G 9 38.81 5.81 35.31
CA PRO G 9 37.78 5.82 34.27
C PRO G 9 38.16 4.88 33.12
N ALA G 10 37.15 4.39 32.40
CA ALA G 10 37.39 3.51 31.28
C ALA G 10 37.37 4.37 30.03
N CYS G 11 38.53 4.51 29.38
CA CYS G 11 38.61 5.34 28.18
C CYS G 11 39.05 4.59 26.96
N ASN G 12 38.50 4.97 25.81
CA ASN G 12 38.89 4.32 24.57
C ASN G 12 39.14 5.39 23.52
N VAL G 13 40.25 5.27 22.80
CA VAL G 13 40.60 6.22 21.76
C VAL G 13 40.38 5.55 20.42
N THR G 14 39.51 6.11 19.59
CA THR G 14 39.25 5.54 18.28
C THR G 14 39.59 6.51 17.17
N PHE G 15 39.89 5.96 16.00
CA PHE G 15 40.29 6.74 14.84
C PHE G 15 39.39 6.49 13.61
N LYS G 16 39.08 7.53 12.84
CA LYS G 16 38.26 7.39 11.61
C LYS G 16 38.82 8.32 10.51
N SER G 17 39.18 7.75 9.36
CA SER G 17 39.70 8.54 8.24
C SER G 17 38.52 9.30 7.63
N GLU G 18 38.62 10.61 7.57
CA GLU G 18 37.54 11.41 7.02
C GLU G 18 38.12 12.58 6.24
N ALA G 19 37.74 12.66 4.96
CA ALA G 19 38.21 13.72 4.07
C ALA G 19 39.73 13.82 4.10
N ASN G 20 40.37 12.65 4.20
CA ASN G 20 41.82 12.55 4.24
C ASN G 20 42.48 13.17 5.46
N GLU G 21 41.74 13.26 6.56
CA GLU G 21 42.27 13.76 7.83
C GLU G 21 42.01 12.64 8.84
N CYS G 22 42.88 12.53 9.83
CA CYS G 22 42.72 11.51 10.86
C CYS G 22 41.89 12.10 12.00
N THR G 23 40.64 11.67 12.14
CA THR G 23 39.81 12.18 13.23
C THR G 23 40.00 11.25 14.43
N THR G 24 40.03 11.83 15.62
CA THR G 24 40.23 11.08 16.85
C THR G 24 39.07 11.33 17.80
N LEU G 25 38.73 10.32 18.58
CA LEU G 25 37.62 10.40 19.51
C LEU G 25 38.05 9.73 20.81
N ILE G 26 38.07 10.50 21.88
CA ILE G 26 38.45 9.98 23.19
C ILE G 26 37.14 9.90 23.96
N LYS G 27 36.67 8.69 24.19
CA LYS G 27 35.40 8.46 24.89
C LYS G 27 35.65 7.73 26.21
N CYS G 28 35.06 8.21 27.30
CA CYS G 28 35.25 7.59 28.61
C CYS G 28 33.97 7.47 29.42
N THR G 29 33.99 6.55 30.38
CA THR G 29 32.87 6.34 31.29
C THR G 29 33.46 6.12 32.68
N THR G 30 32.62 6.27 33.69
CA THR G 30 33.02 6.07 35.06
C THR G 30 31.80 5.65 35.86
N GLU G 31 32.02 4.86 36.91
CA GLU G 31 30.91 4.45 37.76
C GLU G 31 30.56 5.58 38.73
N HIS G 32 31.43 6.62 38.77
CA HIS G 32 31.20 7.75 39.67
C HIS G 32 30.18 8.74 39.11
N GLU G 33 29.97 9.83 39.83
CA GLU G 33 29.00 10.84 39.45
C GLU G 33 29.16 11.34 38.01
N LYS G 34 30.36 11.79 37.66
CA LYS G 34 30.61 12.30 36.31
C LYS G 34 32.11 12.39 36.08
N LEU G 35 32.49 12.77 34.87
CA LEU G 35 33.89 12.93 34.54
C LEU G 35 34.05 14.05 33.52
N ILE G 36 35.28 14.52 33.37
CA ILE G 36 35.60 15.56 32.39
C ILE G 36 36.87 15.16 31.69
N ILE G 37 36.80 15.09 30.36
CA ILE G 37 37.95 14.74 29.56
C ILE G 37 38.52 16.03 29.00
N ARG G 38 39.84 16.16 29.07
CA ARG G 38 40.54 17.33 28.54
C ARG G 38 41.62 16.88 27.57
N HIS G 39 41.57 17.43 26.37
CA HIS G 39 42.53 17.11 25.30
C HIS G 39 42.64 18.36 24.46
N LYS G 40 43.87 18.82 24.22
CA LYS G 40 44.11 20.02 23.46
C LYS G 40 43.27 21.13 24.11
N ASP G 41 42.51 21.86 23.32
CA ASP G 41 41.68 22.94 23.86
C ASP G 41 40.24 22.46 24.08
N LYS G 42 40.03 21.16 24.02
CA LYS G 42 38.68 20.62 24.18
C LYS G 42 38.37 19.99 25.54
N ILE G 43 37.08 20.04 25.89
CA ILE G 43 36.60 19.48 27.15
C ILE G 43 35.29 18.73 26.88
N GLY G 44 35.11 17.59 27.52
CA GLY G 44 33.89 16.84 27.31
C GLY G 44 33.52 15.97 28.49
N LYS G 45 32.22 15.82 28.74
CA LYS G 45 31.74 14.99 29.84
C LYS G 45 31.59 13.54 29.38
N TYR G 46 31.60 13.33 28.08
CA TYR G 46 31.44 11.98 27.52
C TYR G 46 32.53 11.59 26.52
N ALA G 47 32.91 12.53 25.67
CA ALA G 47 33.97 12.29 24.69
C ALA G 47 34.51 13.60 24.15
N VAL G 48 35.69 13.52 23.55
CA VAL G 48 36.30 14.68 22.94
C VAL G 48 36.68 14.27 21.52
N TYR G 49 36.25 15.08 20.55
CA TYR G 49 36.49 14.86 19.13
C TYR G 49 37.47 15.89 18.57
N ALA G 50 38.35 15.47 17.67
CA ALA G 50 39.31 16.38 17.05
C ALA G 50 40.00 15.75 15.87
N ILE G 51 40.76 16.55 15.13
CA ILE G 51 41.53 16.05 14.01
C ILE G 51 42.97 16.04 14.51
N TRP G 52 43.66 14.91 14.36
CA TRP G 52 45.04 14.84 14.81
C TRP G 52 45.99 14.91 13.60
N GLN G 53 47.00 15.76 13.69
CA GLN G 53 48.00 15.94 12.62
C GLN G 53 49.39 15.87 13.23
N PRO G 54 50.38 15.37 12.46
CA PRO G 54 51.75 15.29 12.97
C PRO G 54 52.16 16.60 13.65
N GLY G 55 52.74 16.50 14.84
CA GLY G 55 53.14 17.69 15.56
C GLY G 55 52.18 18.04 16.69
N ASP G 56 51.00 17.43 16.67
CA ASP G 56 49.99 17.67 17.70
C ASP G 56 50.38 16.99 19.01
N THR G 57 49.75 17.43 20.09
CA THR G 57 50.02 16.84 21.40
C THR G 57 49.48 15.41 21.47
N ASN G 58 50.04 14.61 22.37
CA ASN G 58 49.63 13.22 22.56
C ASN G 58 49.06 13.00 23.95
N ASP G 59 48.75 14.09 24.65
CA ASP G 59 48.24 13.97 26.00
C ASP G 59 46.76 14.27 26.15
N TYR G 60 46.18 13.67 27.19
CA TYR G 60 44.80 13.94 27.58
C TYR G 60 44.71 13.56 29.04
N ASN G 61 43.73 14.10 29.75
CA ASN G 61 43.55 13.78 31.14
C ASN G 61 42.07 13.72 31.41
N VAL G 62 41.72 12.94 32.41
CA VAL G 62 40.33 12.71 32.75
C VAL G 62 40.15 12.84 34.25
N THR G 63 39.18 13.66 34.65
CA THR G 63 38.92 13.86 36.06
C THR G 63 37.59 13.20 36.39
N VAL G 64 37.58 12.34 37.41
CA VAL G 64 36.34 11.71 37.84
C VAL G 64 35.88 12.43 39.10
N PHE G 65 34.57 12.59 39.24
CA PHE G 65 34.00 13.29 40.38
C PHE G 65 33.06 12.40 41.18
N GLN G 66 32.86 12.78 42.42
CA GLN G 66 31.96 12.09 43.33
C GLN G 66 31.77 13.03 44.52
N GLY G 67 30.63 13.71 44.56
CA GLY G 67 30.37 14.65 45.64
C GLY G 67 31.32 15.83 45.55
N GLU G 68 32.05 16.08 46.62
CA GLU G 68 33.00 17.18 46.66
C GLU G 68 34.40 16.66 46.36
N ASN G 69 34.48 15.37 46.04
CA ASN G 69 35.75 14.73 45.74
C ASN G 69 35.99 14.56 44.23
N ARG G 70 37.25 14.39 43.86
CA ARG G 70 37.61 14.23 42.46
C ARG G 70 39.04 13.71 42.39
N LYS G 71 39.38 13.17 41.23
CA LYS G 71 40.74 12.70 40.99
C LYS G 71 41.01 12.79 39.50
N THR G 72 42.16 13.34 39.14
CA THR G 72 42.54 13.46 37.75
C THR G 72 43.59 12.44 37.36
N PHE G 73 43.34 11.76 36.24
CA PHE G 73 44.25 10.74 35.71
C PHE G 73 44.88 11.31 34.44
N MET G 74 46.21 11.22 34.34
CA MET G 74 46.96 11.73 33.21
C MET G 74 47.27 10.61 32.23
N TYR G 75 47.25 10.92 30.94
CA TYR G 75 47.52 9.94 29.91
C TYR G 75 48.30 10.48 28.73
N LYS G 76 48.98 9.56 28.05
CA LYS G 76 49.72 9.82 26.83
C LYS G 76 49.22 8.71 25.90
N PHE G 77 49.18 8.97 24.60
CA PHE G 77 48.73 7.97 23.65
C PHE G 77 49.55 8.13 22.37
N PRO G 78 49.88 7.01 21.70
CA PRO G 78 50.66 7.11 20.46
C PRO G 78 49.73 7.42 19.28
N PHE G 79 49.31 8.69 19.20
CA PHE G 79 48.41 9.12 18.14
C PHE G 79 48.97 8.95 16.74
N TYR G 80 50.24 9.28 16.52
CA TYR G 80 50.80 9.14 15.18
C TYR G 80 50.72 7.70 14.66
N GLU G 81 51.11 6.75 15.50
CA GLU G 81 51.08 5.35 15.10
C GLU G 81 49.71 4.93 14.59
N MET G 82 48.68 5.23 15.36
CA MET G 82 47.33 4.85 14.98
C MET G 82 46.84 5.60 13.76
N CYS G 83 47.14 6.89 13.68
CA CYS G 83 46.71 7.67 12.52
C CYS G 83 47.40 7.13 11.26
N ASP G 84 48.66 6.77 11.39
CA ASP G 84 49.44 6.24 10.28
C ASP G 84 48.74 5.00 9.72
N ILE G 85 48.30 4.13 10.62
CA ILE G 85 47.60 2.91 10.22
C ILE G 85 46.24 3.27 9.63
N THR G 86 45.54 4.16 10.31
CA THR G 86 44.20 4.59 9.89
C THR G 86 44.17 5.28 8.53
N MET G 87 45.21 6.06 8.22
CA MET G 87 45.25 6.80 6.97
C MET G 87 46.01 6.07 5.86
N TYR G 88 46.22 4.77 6.01
CA TYR G 88 46.95 3.99 5.02
C TYR G 88 46.53 4.29 3.57
N MET G 89 45.24 4.29 3.30
CA MET G 89 44.78 4.54 1.94
C MET G 89 45.08 5.95 1.43
N SER G 90 44.86 6.96 2.27
CA SER G 90 45.15 8.34 1.86
C SER G 90 46.64 8.50 1.61
N LYS G 91 47.46 7.82 2.41
CA LYS G 91 48.92 7.91 2.25
C LYS G 91 49.36 7.42 0.87
N GLN G 92 48.70 6.38 0.36
CA GLN G 92 49.04 5.85 -0.96
C GLN G 92 48.93 6.91 -2.04
N TYR G 93 47.93 7.77 -1.93
CA TYR G 93 47.71 8.82 -2.92
C TYR G 93 48.33 10.13 -2.47
N LYS G 94 49.19 10.06 -1.46
CA LYS G 94 49.90 11.23 -0.94
C LYS G 94 48.94 12.31 -0.44
N LEU G 95 47.82 11.90 0.15
CA LEU G 95 46.83 12.84 0.66
C LEU G 95 46.95 13.01 2.18
N TRP G 96 47.87 12.27 2.77
CA TRP G 96 48.14 12.32 4.21
C TRP G 96 49.59 11.86 4.35
N PRO G 97 50.36 12.46 5.28
CA PRO G 97 50.00 13.53 6.21
C PRO G 97 49.73 14.86 5.50
N PRO G 98 49.07 15.79 6.19
CA PRO G 98 48.75 17.10 5.63
C PRO G 98 49.98 18.00 5.53
N GLN G 99 49.87 19.07 4.75
CA GLN G 99 50.97 20.00 4.61
C GLN G 99 51.13 20.81 5.88
N LYS G 100 52.37 20.89 6.37
CA LYS G 100 52.65 21.63 7.59
C LYS G 100 52.87 23.11 7.30
N LYS H 2 -55.19 11.64 32.31
CA LYS H 2 -54.73 10.31 31.84
C LYS H 2 -55.42 9.95 30.52
N LYS H 3 -55.48 10.91 29.61
CA LYS H 3 -56.11 10.68 28.30
C LYS H 3 -55.03 10.39 27.27
N VAL H 4 -55.43 9.87 26.12
CA VAL H 4 -54.48 9.53 25.07
C VAL H 4 -54.29 10.65 24.05
N GLU H 5 -53.13 11.30 24.10
CA GLU H 5 -52.80 12.36 23.16
C GLU H 5 -51.89 11.75 22.10
N PHE H 6 -52.51 11.23 21.05
CA PHE H 6 -51.77 10.60 19.95
C PHE H 6 -50.84 11.54 19.22
N LYS H 7 -49.63 11.06 18.94
CA LYS H 7 -48.64 11.83 18.21
C LYS H 7 -48.48 11.18 16.85
N GLU H 8 -48.18 11.98 15.84
CA GLU H 8 -48.00 11.46 14.50
C GLU H 8 -46.68 10.70 14.42
N PRO H 9 -46.69 9.51 13.80
CA PRO H 9 -45.47 8.69 13.67
C PRO H 9 -44.49 9.29 12.67
N ALA H 10 -43.25 8.80 12.72
CA ALA H 10 -42.22 9.26 11.78
C ALA H 10 -42.02 8.17 10.73
N CYS H 11 -42.14 8.51 9.46
CA CYS H 11 -41.95 7.52 8.41
C CYS H 11 -40.94 7.97 7.38
N ASN H 12 -40.17 7.02 6.89
CA ASN H 12 -39.18 7.30 5.87
C ASN H 12 -39.49 6.40 4.68
N VAL H 13 -39.62 7.01 3.50
CA VAL H 13 -39.93 6.25 2.29
C VAL H 13 -38.66 6.24 1.45
N THR H 14 -38.14 5.04 1.17
CA THR H 14 -36.93 4.92 0.39
C THR H 14 -37.11 4.14 -0.90
N PHE H 15 -36.24 4.42 -1.86
CA PHE H 15 -36.33 3.80 -3.18
C PHE H 15 -35.03 3.17 -3.61
N LYS H 16 -35.16 2.11 -4.39
CA LYS H 16 -33.99 1.40 -4.92
C LYS H 16 -34.29 0.85 -6.30
N SER H 17 -33.32 0.96 -7.19
CA SER H 17 -33.43 0.45 -8.55
C SER H 17 -32.97 -1.01 -8.54
N GLU H 18 -33.87 -1.94 -8.84
CA GLU H 18 -33.53 -3.36 -8.85
C GLU H 18 -34.09 -4.01 -10.12
N ALA H 19 -33.21 -4.51 -10.97
CA ALA H 19 -33.61 -5.17 -12.23
C ALA H 19 -34.57 -4.31 -13.04
N ASN H 20 -34.28 -3.01 -13.08
CA ASN H 20 -35.07 -2.06 -13.84
C ASN H 20 -36.49 -1.87 -13.33
N GLU H 21 -36.68 -2.14 -12.04
CA GLU H 21 -37.97 -1.92 -11.42
C GLU H 21 -37.70 -0.99 -10.24
N CYS H 22 -38.70 -0.18 -9.90
CA CYS H 22 -38.58 0.76 -8.79
C CYS H 22 -39.10 0.13 -7.52
N THR H 23 -38.19 -0.18 -6.60
CA THR H 23 -38.53 -0.79 -5.33
C THR H 23 -38.85 0.27 -4.29
N THR H 24 -39.91 0.08 -3.51
CA THR H 24 -40.28 1.06 -2.49
C THR H 24 -40.37 0.45 -1.11
N LEU H 25 -39.89 1.22 -0.13
CA LEU H 25 -39.89 0.78 1.25
C LEU H 25 -40.39 1.91 2.14
N ILE H 26 -41.43 1.61 2.91
CA ILE H 26 -41.98 2.59 3.84
C ILE H 26 -41.70 2.06 5.25
N LYS H 27 -40.89 2.79 6.02
CA LYS H 27 -40.53 2.40 7.38
C LYS H 27 -40.98 3.44 8.36
N CYS H 28 -41.62 3.03 9.46
CA CYS H 28 -42.11 4.01 10.44
C CYS H 28 -41.82 3.63 11.88
N THR H 29 -41.74 4.65 12.73
CA THR H 29 -41.53 4.46 14.16
C THR H 29 -42.53 5.36 14.90
N THR H 30 -42.77 5.06 16.17
CA THR H 30 -43.68 5.84 17.01
C THR H 30 -43.24 5.79 18.47
N GLU H 31 -43.72 6.73 19.28
CA GLU H 31 -43.39 6.73 20.69
C GLU H 31 -44.49 5.98 21.43
N HIS H 32 -45.54 5.61 20.69
CA HIS H 32 -46.66 4.88 21.27
C HIS H 32 -46.29 3.39 21.34
N GLU H 33 -47.23 2.58 21.80
CA GLU H 33 -47.01 1.13 21.93
C GLU H 33 -46.52 0.44 20.67
N LYS H 34 -47.27 0.60 19.57
CA LYS H 34 -46.89 -0.01 18.31
C LYS H 34 -47.67 0.66 17.18
N LEU H 35 -47.41 0.22 15.96
CA LEU H 35 -48.08 0.77 14.79
C LEU H 35 -48.20 -0.26 13.69
N ILE H 36 -49.05 0.03 12.71
CA ILE H 36 -49.25 -0.82 11.55
C ILE H 36 -49.24 0.07 10.31
N ILE H 37 -48.49 -0.31 9.30
CA ILE H 37 -48.40 0.45 8.06
C ILE H 37 -49.20 -0.24 6.97
N ARG H 38 -50.00 0.53 6.25
CA ARG H 38 -50.79 -0.03 5.15
C ARG H 38 -50.51 0.70 3.84
N HIS H 39 -50.18 -0.06 2.81
CA HIS H 39 -49.91 0.47 1.48
C HIS H 39 -50.34 -0.64 0.52
N LYS H 40 -51.17 -0.27 -0.45
CA LYS H 40 -51.68 -1.26 -1.41
C LYS H 40 -52.30 -2.40 -0.61
N ASP H 41 -51.97 -3.63 -0.96
CA ASP H 41 -52.52 -4.79 -0.25
C ASP H 41 -51.57 -5.26 0.86
N LYS H 42 -50.58 -4.43 1.18
CA LYS H 42 -49.62 -4.78 2.21
C LYS H 42 -49.84 -4.14 3.57
N ILE H 43 -49.49 -4.88 4.61
CA ILE H 43 -49.61 -4.41 5.99
C ILE H 43 -48.34 -4.85 6.71
N GLY H 44 -47.75 -3.93 7.47
CA GLY H 44 -46.54 -4.27 8.19
C GLY H 44 -46.39 -3.51 9.49
N LYS H 45 -45.79 -4.16 10.47
CA LYS H 45 -45.60 -3.55 11.77
C LYS H 45 -44.34 -2.66 11.78
N TYR H 46 -43.41 -2.92 10.87
CA TYR H 46 -42.18 -2.14 10.84
C TYR H 46 -41.95 -1.45 9.50
N ALA H 47 -42.35 -2.13 8.43
CA ALA H 47 -42.19 -1.58 7.09
C ALA H 47 -43.02 -2.33 6.06
N VAL H 48 -43.25 -1.68 4.94
CA VAL H 48 -43.99 -2.29 3.84
C VAL H 48 -43.09 -2.15 2.62
N TYR H 49 -42.97 -3.25 1.88
CA TYR H 49 -42.14 -3.32 0.70
C TYR H 49 -42.96 -3.62 -0.54
N ALA H 50 -42.64 -2.98 -1.65
CA ALA H 50 -43.36 -3.22 -2.90
C ALA H 50 -42.67 -2.58 -4.10
N ILE H 51 -43.07 -3.00 -5.29
CA ILE H 51 -42.54 -2.45 -6.52
C ILE H 51 -43.62 -1.44 -6.97
N TRP H 52 -43.20 -0.25 -7.37
CA TRP H 52 -44.15 0.77 -7.78
C TRP H 52 -44.04 1.03 -9.27
N GLN H 53 -45.19 1.15 -9.93
CA GLN H 53 -45.24 1.39 -11.36
C GLN H 53 -46.31 2.42 -11.65
N PRO H 54 -46.17 3.20 -12.74
CA PRO H 54 -47.16 4.22 -13.10
C PRO H 54 -48.57 3.65 -13.00
N GLY H 55 -49.45 4.35 -12.31
CA GLY H 55 -50.82 3.88 -12.17
C GLY H 55 -51.10 3.38 -10.76
N ASP H 56 -50.06 2.94 -10.04
CA ASP H 56 -50.22 2.45 -8.68
C ASP H 56 -50.64 3.57 -7.75
N THR H 57 -51.25 3.21 -6.62
CA THR H 57 -51.70 4.19 -5.63
C THR H 57 -50.53 5.01 -5.09
N ASN H 58 -50.85 6.20 -4.56
CA ASN H 58 -49.83 7.06 -3.96
C ASN H 58 -50.13 7.16 -2.48
N ASP H 59 -51.11 6.38 -2.03
CA ASP H 59 -51.49 6.43 -0.64
C ASP H 59 -50.92 5.33 0.21
N TYR H 60 -50.79 5.63 1.49
CA TYR H 60 -50.37 4.69 2.50
C TYR H 60 -50.87 5.36 3.76
N ASN H 61 -51.07 4.57 4.80
CA ASN H 61 -51.52 5.12 6.06
C ASN H 61 -50.84 4.37 7.18
N VAL H 62 -50.89 4.95 8.38
CA VAL H 62 -50.26 4.35 9.54
C VAL H 62 -51.17 4.50 10.76
N THR H 63 -51.41 3.40 11.44
CA THR H 63 -52.24 3.42 12.64
C THR H 63 -51.35 3.20 13.84
N VAL H 64 -51.46 4.09 14.83
CA VAL H 64 -50.67 3.96 16.05
C VAL H 64 -51.60 3.50 17.18
N PHE H 65 -51.08 2.70 18.08
CA PHE H 65 -51.84 2.15 19.20
C PHE H 65 -51.32 2.58 20.55
N GLN H 66 -52.23 2.87 21.46
CA GLN H 66 -51.88 3.26 22.80
C GLN H 66 -53.01 2.73 23.68
N GLY H 67 -52.73 1.64 24.39
CA GLY H 67 -53.75 1.03 25.23
C GLY H 67 -54.76 0.34 24.36
N GLU H 68 -56.02 0.73 24.50
CA GLU H 68 -57.10 0.14 23.71
C GLU H 68 -57.53 1.12 22.62
N ASN H 69 -56.87 2.27 22.58
CA ASN H 69 -57.16 3.31 21.59
C ASN H 69 -56.22 3.22 20.39
N ARG H 70 -56.61 3.89 19.31
CA ARG H 70 -55.81 3.89 18.09
C ARG H 70 -56.16 5.11 17.26
N LYS H 71 -55.26 5.47 16.35
CA LYS H 71 -55.49 6.59 15.45
C LYS H 71 -54.74 6.34 14.16
N THR H 72 -55.41 6.60 13.05
CA THR H 72 -54.79 6.41 11.75
C THR H 72 -54.41 7.73 11.11
N PHE H 73 -53.23 7.75 10.51
CA PHE H 73 -52.72 8.93 9.83
C PHE H 73 -52.62 8.58 8.35
N MET H 74 -53.24 9.43 7.52
CA MET H 74 -53.26 9.25 6.07
C MET H 74 -52.14 10.01 5.39
N TYR H 75 -51.57 9.42 4.33
CA TYR H 75 -50.50 10.06 3.59
C TYR H 75 -50.66 9.82 2.09
N LYS H 76 -50.14 10.77 1.32
CA LYS H 76 -50.17 10.69 -0.14
C LYS H 76 -48.73 11.05 -0.49
N PHE H 77 -48.05 10.19 -1.22
CA PHE H 77 -46.64 10.41 -1.56
C PHE H 77 -46.39 10.50 -3.06
N PRO H 78 -45.40 11.30 -3.49
CA PRO H 78 -45.08 11.44 -4.90
C PRO H 78 -44.19 10.28 -5.39
N PHE H 79 -44.77 9.09 -5.45
CA PHE H 79 -44.02 7.92 -5.88
C PHE H 79 -43.43 8.03 -7.27
N TYR H 80 -44.18 8.50 -8.25
CA TYR H 80 -43.61 8.57 -9.59
C TYR H 80 -42.33 9.41 -9.66
N GLU H 81 -42.36 10.59 -9.06
CA GLU H 81 -41.19 11.48 -9.08
C GLU H 81 -39.95 10.87 -8.43
N MET H 82 -40.13 10.23 -7.29
CA MET H 82 -39.01 9.61 -6.60
C MET H 82 -38.51 8.42 -7.42
N CYS H 83 -39.44 7.65 -7.98
CA CYS H 83 -39.02 6.51 -8.81
C CYS H 83 -38.29 7.04 -10.03
N ASP H 84 -38.84 8.09 -10.66
CA ASP H 84 -38.23 8.65 -11.85
C ASP H 84 -36.75 8.96 -11.61
N ILE H 85 -36.46 9.58 -10.47
CA ILE H 85 -35.10 9.93 -10.08
C ILE H 85 -34.26 8.67 -9.89
N THR H 86 -34.80 7.73 -9.12
CA THR H 86 -34.13 6.47 -8.83
C THR H 86 -33.84 5.64 -10.08
N MET H 87 -34.81 5.58 -10.99
CA MET H 87 -34.66 4.81 -12.23
C MET H 87 -34.06 5.61 -13.38
N TYR H 88 -33.43 6.75 -13.08
CA TYR H 88 -32.84 7.61 -14.11
C TYR H 88 -32.03 6.86 -15.18
N MET H 89 -31.14 5.97 -14.76
CA MET H 89 -30.33 5.25 -15.73
C MET H 89 -31.14 4.27 -16.58
N SER H 90 -32.06 3.55 -15.96
CA SER H 90 -32.89 2.61 -16.71
C SER H 90 -33.70 3.35 -17.77
N LYS H 91 -34.15 4.55 -17.43
CA LYS H 91 -34.93 5.36 -18.36
C LYS H 91 -34.15 5.66 -19.63
N GLN H 92 -32.88 6.00 -19.47
CA GLN H 92 -32.01 6.32 -20.60
C GLN H 92 -31.93 5.21 -21.63
N TYR H 93 -32.10 3.96 -21.20
CA TYR H 93 -32.06 2.83 -22.11
C TYR H 93 -33.47 2.33 -22.36
N LYS H 94 -34.43 3.16 -21.94
CA LYS H 94 -35.85 2.86 -22.09
C LYS H 94 -36.25 1.52 -21.48
N LEU H 95 -35.75 1.27 -20.28
CA LEU H 95 -36.06 0.04 -19.57
C LEU H 95 -37.07 0.32 -18.47
N TRP H 96 -37.36 1.60 -18.26
CA TRP H 96 -38.32 2.04 -17.26
C TRP H 96 -38.90 3.37 -17.73
N PRO H 97 -40.20 3.62 -17.52
CA PRO H 97 -41.22 2.78 -16.86
C PRO H 97 -41.46 1.49 -17.62
N PRO H 98 -42.02 0.47 -16.94
CA PRO H 98 -42.27 -0.80 -17.60
C PRO H 98 -43.34 -0.70 -18.69
#